data_2EPT
#
_entry.id   2EPT
#
loop_
_entity.id
_entity.type
_entity.pdbx_description
1 polymer 'Zinc finger protein 32'
2 non-polymer 'ZINC ION'
#
_entity_poly.entity_id   1
_entity_poly.type   'polypeptide(L)'
_entity_poly.pdbx_seq_one_letter_code
;GSSGSSGQRVYECQECGKSFRQKGSLTLHERIHTGSGPSSG
;
_entity_poly.pdbx_strand_id   A
#
# COMPACT_ATOMS: atom_id res chain seq x y z
N GLY A 1 -24.50 7.48 -0.53
CA GLY A 1 -23.97 8.56 -1.34
C GLY A 1 -24.63 9.89 -1.05
N SER A 2 -25.92 9.86 -0.73
CA SER A 2 -26.67 11.07 -0.43
C SER A 2 -26.46 11.49 1.01
N SER A 3 -26.73 10.57 1.94
CA SER A 3 -26.56 10.86 3.36
C SER A 3 -25.31 10.19 3.91
N GLY A 4 -24.17 10.85 3.73
CA GLY A 4 -22.91 10.29 4.20
C GLY A 4 -21.73 10.80 3.41
N SER A 5 -20.58 10.13 3.57
CA SER A 5 -19.37 10.51 2.87
C SER A 5 -19.20 9.70 1.58
N SER A 6 -18.94 10.39 0.48
CA SER A 6 -18.76 9.73 -0.81
C SER A 6 -17.29 9.42 -1.06
N GLY A 7 -17.04 8.28 -1.70
CA GLY A 7 -15.67 7.89 -2.01
C GLY A 7 -15.14 6.86 -1.02
N GLN A 8 -13.92 6.41 -1.25
CA GLN A 8 -13.30 5.41 -0.38
C GLN A 8 -11.84 5.19 -0.77
N ARG A 9 -11.02 4.83 0.22
CA ARG A 9 -9.60 4.58 -0.03
C ARG A 9 -9.11 3.41 0.81
N VAL A 10 -8.28 2.57 0.21
CA VAL A 10 -7.73 1.40 0.91
C VAL A 10 -6.22 1.31 0.72
N TYR A 11 -5.53 0.76 1.71
CA TYR A 11 -4.08 0.60 1.65
C TYR A 11 -3.69 -0.53 0.71
N GLU A 12 -3.71 -0.25 -0.59
CA GLU A 12 -3.35 -1.26 -1.58
C GLU A 12 -1.88 -1.13 -1.99
N CYS A 13 -1.17 -2.24 -1.97
CA CYS A 13 0.24 -2.25 -2.34
C CYS A 13 0.44 -1.78 -3.77
N GLN A 14 1.30 -0.78 -3.95
CA GLN A 14 1.56 -0.23 -5.28
C GLN A 14 2.85 -0.82 -5.85
N GLU A 15 3.19 -2.04 -5.42
CA GLU A 15 4.40 -2.70 -5.90
C GLU A 15 4.06 -4.03 -6.56
N CYS A 16 3.24 -4.83 -5.86
CA CYS A 16 2.84 -6.14 -6.39
C CYS A 16 1.33 -6.19 -6.62
N GLY A 17 0.59 -5.39 -5.85
CA GLY A 17 -0.85 -5.36 -5.99
C GLY A 17 -1.55 -6.22 -4.96
N LYS A 18 -1.72 -5.69 -3.76
CA LYS A 18 -2.38 -6.42 -2.68
C LYS A 18 -3.15 -5.47 -1.77
N SER A 19 -4.44 -5.74 -1.60
CA SER A 19 -5.29 -4.91 -0.76
C SER A 19 -5.21 -5.35 0.70
N PHE A 20 -5.17 -4.37 1.61
CA PHE A 20 -5.09 -4.66 3.03
C PHE A 20 -6.14 -3.87 3.80
N ARG A 21 -7.03 -4.57 4.49
CA ARG A 21 -8.08 -3.94 5.26
C ARG A 21 -7.49 -3.00 6.31
N GLN A 22 -6.44 -3.46 6.99
CA GLN A 22 -5.79 -2.66 8.01
C GLN A 22 -4.60 -1.89 7.43
N LYS A 23 -4.29 -0.75 8.03
CA LYS A 23 -3.17 0.08 7.59
C LYS A 23 -1.84 -0.60 7.88
N GLY A 24 -1.70 -1.12 9.09
CA GLY A 24 -0.47 -1.79 9.47
C GLY A 24 -0.18 -3.01 8.62
N SER A 25 -1.23 -3.68 8.16
CA SER A 25 -1.09 -4.87 7.33
C SER A 25 -0.17 -4.59 6.14
N LEU A 26 -0.38 -3.44 5.50
CA LEU A 26 0.42 -3.04 4.35
C LEU A 26 1.84 -2.66 4.77
N THR A 27 1.94 -1.95 5.89
CA THR A 27 3.24 -1.51 6.40
C THR A 27 4.15 -2.70 6.65
N LEU A 28 3.58 -3.78 7.19
CA LEU A 28 4.35 -4.98 7.47
C LEU A 28 4.67 -5.74 6.19
N HIS A 29 3.82 -5.58 5.18
CA HIS A 29 4.02 -6.25 3.90
C HIS A 29 5.20 -5.66 3.15
N GLU A 30 5.47 -4.38 3.39
CA GLU A 30 6.58 -3.69 2.75
C GLU A 30 7.91 -4.38 3.07
N ARG A 31 7.92 -5.14 4.15
CA ARG A 31 9.13 -5.84 4.57
C ARG A 31 9.71 -6.66 3.43
N ILE A 32 8.89 -7.53 2.84
CA ILE A 32 9.32 -8.37 1.73
C ILE A 32 9.69 -7.53 0.52
N HIS A 33 9.20 -6.28 0.49
CA HIS A 33 9.47 -5.38 -0.61
C HIS A 33 10.70 -4.52 -0.32
N THR A 34 11.87 -4.98 -0.76
CA THR A 34 13.10 -4.25 -0.53
C THR A 34 13.81 -3.93 -1.85
N GLY A 35 13.34 -2.88 -2.52
CA GLY A 35 13.93 -2.49 -3.79
C GLY A 35 13.42 -1.15 -4.28
N SER A 36 13.72 -0.10 -3.53
CA SER A 36 13.29 1.24 -3.89
C SER A 36 14.35 1.97 -4.71
N GLY A 37 14.25 1.87 -6.03
CA GLY A 37 15.22 2.51 -6.89
C GLY A 37 15.44 1.73 -8.18
N PRO A 38 16.11 2.38 -9.15
CA PRO A 38 16.42 1.76 -10.45
C PRO A 38 17.44 0.64 -10.34
N SER A 39 17.50 -0.21 -11.36
CA SER A 39 18.44 -1.32 -11.37
C SER A 39 19.31 -1.28 -12.62
N SER A 40 18.70 -0.92 -13.75
CA SER A 40 19.41 -0.84 -15.02
C SER A 40 19.89 0.58 -15.28
N GLY A 41 20.78 1.08 -14.41
CA GLY A 41 21.29 2.42 -14.58
C GLY A 41 22.19 2.84 -13.42
N GLY A 1 -28.02 23.45 1.12
CA GLY A 1 -26.77 22.75 0.86
C GLY A 1 -26.90 21.25 1.02
N SER A 2 -27.49 20.59 0.03
CA SER A 2 -27.67 19.15 0.07
C SER A 2 -26.36 18.44 0.33
N SER A 3 -26.26 17.78 1.48
CA SER A 3 -25.05 17.07 1.85
C SER A 3 -24.82 15.86 0.94
N GLY A 4 -23.57 15.42 0.83
CA GLY A 4 -23.25 14.29 -0.01
C GLY A 4 -21.87 14.38 -0.60
N SER A 5 -20.86 13.98 0.17
CA SER A 5 -19.47 14.02 -0.27
C SER A 5 -18.73 12.76 0.15
N SER A 6 -17.81 12.31 -0.69
CA SER A 6 -17.02 11.12 -0.41
C SER A 6 -15.53 11.42 -0.48
N GLY A 7 -14.71 10.39 -0.30
CA GLY A 7 -13.27 10.56 -0.34
C GLY A 7 -12.54 9.60 0.57
N GLN A 8 -12.59 8.31 0.23
CA GLN A 8 -11.93 7.29 1.02
C GLN A 8 -11.39 6.17 0.13
N ARG A 9 -10.25 5.63 0.50
CA ARG A 9 -9.62 4.55 -0.26
C ARG A 9 -9.10 3.46 0.66
N VAL A 10 -8.47 2.44 0.08
CA VAL A 10 -7.93 1.33 0.85
C VAL A 10 -6.43 1.20 0.64
N TYR A 11 -5.73 0.71 1.68
CA TYR A 11 -4.28 0.54 1.61
C TYR A 11 -3.91 -0.60 0.65
N GLU A 12 -3.74 -0.26 -0.62
CA GLU A 12 -3.39 -1.24 -1.63
C GLU A 12 -1.92 -1.11 -2.02
N CYS A 13 -1.17 -2.21 -1.90
CA CYS A 13 0.24 -2.22 -2.24
C CYS A 13 0.46 -1.69 -3.65
N GLN A 14 1.43 -0.79 -3.79
CA GLN A 14 1.75 -0.21 -5.09
C GLN A 14 3.00 -0.84 -5.68
N GLU A 15 3.23 -2.11 -5.37
CA GLU A 15 4.39 -2.83 -5.87
C GLU A 15 3.99 -4.18 -6.47
N CYS A 16 3.11 -4.89 -5.77
CA CYS A 16 2.65 -6.19 -6.23
C CYS A 16 1.14 -6.16 -6.52
N GLY A 17 0.44 -5.27 -5.83
CA GLY A 17 -1.00 -5.16 -6.02
C GLY A 17 -1.78 -6.06 -5.08
N LYS A 18 -1.90 -5.64 -3.83
CA LYS A 18 -2.63 -6.40 -2.84
C LYS A 18 -3.31 -5.48 -1.83
N SER A 19 -4.62 -5.63 -1.69
CA SER A 19 -5.40 -4.80 -0.77
C SER A 19 -5.26 -5.32 0.66
N PHE A 20 -5.20 -4.40 1.61
CA PHE A 20 -5.07 -4.77 3.02
C PHE A 20 -6.12 -4.05 3.86
N ARG A 21 -7.01 -4.83 4.48
CA ARG A 21 -8.06 -4.27 5.32
C ARG A 21 -7.49 -3.33 6.36
N GLN A 22 -6.38 -3.72 6.98
CA GLN A 22 -5.73 -2.91 7.99
C GLN A 22 -4.57 -2.11 7.39
N LYS A 23 -4.30 -0.94 7.96
CA LYS A 23 -3.23 -0.08 7.49
C LYS A 23 -1.88 -0.72 7.77
N GLY A 24 -1.64 -1.09 9.02
CA GLY A 24 -0.39 -1.71 9.40
C GLY A 24 -0.05 -2.92 8.54
N SER A 25 -1.09 -3.64 8.13
CA SER A 25 -0.91 -4.84 7.30
C SER A 25 -0.04 -4.53 6.09
N LEU A 26 -0.28 -3.38 5.48
CA LEU A 26 0.48 -2.97 4.30
C LEU A 26 1.90 -2.56 4.68
N THR A 27 2.02 -1.82 5.78
CA THR A 27 3.33 -1.36 6.25
C THR A 27 4.26 -2.54 6.50
N LEU A 28 3.73 -3.57 7.16
CA LEU A 28 4.53 -4.76 7.47
C LEU A 28 4.81 -5.56 6.21
N HIS A 29 3.93 -5.45 5.22
CA HIS A 29 4.09 -6.16 3.96
C HIS A 29 5.26 -5.59 3.16
N GLU A 30 5.54 -4.30 3.35
CA GLU A 30 6.63 -3.64 2.65
C GLU A 30 7.96 -4.32 2.96
N ARG A 31 8.02 -5.04 4.07
CA ARG A 31 9.22 -5.74 4.49
C ARG A 31 9.77 -6.59 3.35
N ILE A 32 8.93 -7.47 2.83
CA ILE A 32 9.33 -8.35 1.73
C ILE A 32 9.67 -7.55 0.48
N HIS A 33 9.18 -6.31 0.42
CA HIS A 33 9.43 -5.45 -0.72
C HIS A 33 10.67 -4.58 -0.49
N THR A 34 11.79 -5.23 -0.20
CA THR A 34 13.05 -4.52 0.05
C THR A 34 13.67 -4.04 -1.26
N GLY A 35 14.55 -3.04 -1.16
CA GLY A 35 15.20 -2.51 -2.34
C GLY A 35 15.96 -1.22 -2.05
N SER A 36 16.91 -1.30 -1.12
CA SER A 36 17.70 -0.13 -0.74
C SER A 36 19.18 -0.39 -0.97
N GLY A 37 19.80 0.44 -1.82
CA GLY A 37 21.21 0.28 -2.10
C GLY A 37 21.47 -0.25 -3.50
N PRO A 38 22.75 -0.44 -3.84
CA PRO A 38 23.16 -0.95 -5.16
C PRO A 38 22.77 -2.41 -5.35
N SER A 39 22.66 -2.83 -6.61
CA SER A 39 22.30 -4.20 -6.93
C SER A 39 23.49 -4.95 -7.52
N SER A 40 23.35 -6.27 -7.66
CA SER A 40 24.41 -7.09 -8.21
C SER A 40 24.65 -6.77 -9.68
N GLY A 41 25.55 -7.52 -10.31
CA GLY A 41 25.87 -7.29 -11.71
C GLY A 41 26.67 -6.03 -11.93
N GLY A 1 -16.05 27.48 -2.57
CA GLY A 1 -14.88 27.44 -3.42
C GLY A 1 -13.93 26.32 -3.02
N SER A 2 -14.39 25.08 -3.15
CA SER A 2 -13.57 23.92 -2.81
C SER A 2 -14.28 22.62 -3.17
N SER A 3 -13.50 21.57 -3.40
CA SER A 3 -14.07 20.27 -3.76
C SER A 3 -14.67 19.58 -2.55
N GLY A 4 -13.81 19.25 -1.58
CA GLY A 4 -14.29 18.58 -0.38
C GLY A 4 -14.12 17.08 -0.44
N SER A 5 -13.73 16.49 0.68
CA SER A 5 -13.53 15.04 0.75
C SER A 5 -13.24 14.60 2.19
N SER A 6 -13.02 13.30 2.36
CA SER A 6 -12.75 12.75 3.68
C SER A 6 -12.28 11.29 3.58
N GLY A 7 -11.51 10.86 4.57
CA GLY A 7 -11.01 9.49 4.57
C GLY A 7 -10.19 9.17 3.34
N GLN A 8 -9.68 7.95 3.27
CA GLN A 8 -8.87 7.52 2.13
C GLN A 8 -9.25 6.11 1.69
N ARG A 9 -8.83 5.74 0.49
CA ARG A 9 -9.12 4.41 -0.05
C ARG A 9 -8.38 3.34 0.73
N VAL A 10 -8.70 2.08 0.44
CA VAL A 10 -8.07 0.95 1.12
C VAL A 10 -6.55 0.96 0.89
N TYR A 11 -5.81 0.49 1.89
CA TYR A 11 -4.36 0.43 1.80
C TYR A 11 -3.90 -0.69 0.88
N GLU A 12 -3.75 -0.37 -0.40
CA GLU A 12 -3.32 -1.35 -1.39
C GLU A 12 -1.83 -1.21 -1.67
N CYS A 13 -1.20 -2.32 -2.06
CA CYS A 13 0.23 -2.32 -2.37
C CYS A 13 0.49 -1.80 -3.77
N GLN A 14 1.43 -0.88 -3.89
CA GLN A 14 1.77 -0.30 -5.18
C GLN A 14 3.05 -0.92 -5.74
N GLU A 15 3.30 -2.18 -5.39
CA GLU A 15 4.48 -2.89 -5.85
C GLU A 15 4.11 -4.22 -6.48
N CYS A 16 3.24 -4.97 -5.81
CA CYS A 16 2.80 -6.27 -6.30
C CYS A 16 1.31 -6.27 -6.59
N GLY A 17 0.58 -5.40 -5.88
CA GLY A 17 -0.86 -5.31 -6.06
C GLY A 17 -1.63 -6.19 -5.09
N LYS A 18 -1.80 -5.69 -3.87
CA LYS A 18 -2.51 -6.43 -2.84
C LYS A 18 -3.24 -5.48 -1.89
N SER A 19 -4.53 -5.71 -1.69
CA SER A 19 -5.34 -4.87 -0.82
C SER A 19 -5.17 -5.30 0.64
N PHE A 20 -5.26 -4.33 1.55
CA PHE A 20 -5.12 -4.61 2.97
C PHE A 20 -6.13 -3.80 3.78
N ARG A 21 -7.13 -4.48 4.33
CA ARG A 21 -8.16 -3.83 5.13
C ARG A 21 -7.54 -2.97 6.22
N GLN A 22 -6.47 -3.48 6.85
CA GLN A 22 -5.80 -2.76 7.91
C GLN A 22 -4.64 -1.94 7.35
N LYS A 23 -4.34 -0.82 8.00
CA LYS A 23 -3.26 0.06 7.57
C LYS A 23 -1.90 -0.57 7.87
N GLY A 24 -1.70 -0.99 9.11
CA GLY A 24 -0.45 -1.61 9.50
C GLY A 24 -0.15 -2.86 8.70
N SER A 25 -1.20 -3.56 8.28
CA SER A 25 -1.05 -4.79 7.51
C SER A 25 -0.18 -4.55 6.28
N LEU A 26 -0.45 -3.47 5.57
CA LEU A 26 0.31 -3.14 4.37
C LEU A 26 1.73 -2.72 4.72
N THR A 27 1.86 -1.95 5.81
CA THR A 27 3.16 -1.49 6.26
C THR A 27 4.11 -2.65 6.51
N LEU A 28 3.59 -3.72 7.10
CA LEU A 28 4.39 -4.90 7.40
C LEU A 28 4.72 -5.66 6.12
N HIS A 29 3.83 -5.58 5.14
CA HIS A 29 4.02 -6.26 3.86
C HIS A 29 5.19 -5.66 3.09
N GLU A 30 5.44 -4.37 3.32
CA GLU A 30 6.53 -3.67 2.66
C GLU A 30 7.88 -4.32 2.97
N ARG A 31 7.92 -5.07 4.07
CA ARG A 31 9.14 -5.75 4.49
C ARG A 31 9.73 -6.56 3.34
N ILE A 32 8.91 -7.45 2.78
CA ILE A 32 9.34 -8.30 1.68
C ILE A 32 9.69 -7.47 0.44
N HIS A 33 9.18 -6.23 0.40
CA HIS A 33 9.43 -5.34 -0.71
C HIS A 33 10.63 -4.43 -0.42
N THR A 34 11.82 -4.93 -0.70
CA THR A 34 13.04 -4.18 -0.48
C THR A 34 13.19 -3.05 -1.49
N GLY A 35 13.42 -1.84 -1.00
CA GLY A 35 13.58 -0.69 -1.87
C GLY A 35 12.35 0.20 -1.90
N SER A 36 12.45 1.35 -1.24
CA SER A 36 11.33 2.29 -1.18
C SER A 36 11.62 3.52 -2.03
N GLY A 37 10.93 3.62 -3.16
CA GLY A 37 11.12 4.76 -4.05
C GLY A 37 9.99 5.77 -3.95
N PRO A 38 10.09 6.84 -4.75
CA PRO A 38 9.07 7.91 -4.76
C PRO A 38 7.76 7.44 -5.37
N SER A 39 6.67 8.14 -5.03
CA SER A 39 5.35 7.79 -5.55
C SER A 39 5.05 8.56 -6.82
N SER A 40 5.50 9.81 -6.88
CA SER A 40 5.28 10.66 -8.05
C SER A 40 6.02 10.12 -9.26
N GLY A 41 7.34 10.08 -9.18
CA GLY A 41 8.15 9.57 -10.28
C GLY A 41 9.37 10.42 -10.53
N GLY A 1 -8.10 21.00 -11.08
CA GLY A 1 -8.79 20.38 -9.97
C GLY A 1 -10.07 21.12 -9.60
N SER A 2 -11.03 21.12 -10.52
CA SER A 2 -12.30 21.78 -10.29
C SER A 2 -13.24 20.91 -9.46
N SER A 3 -13.64 19.78 -10.03
CA SER A 3 -14.53 18.85 -9.34
C SER A 3 -13.79 17.59 -8.91
N GLY A 4 -13.06 17.70 -7.81
CA GLY A 4 -12.31 16.56 -7.31
C GLY A 4 -13.15 15.66 -6.42
N SER A 5 -13.15 14.37 -6.74
CA SER A 5 -13.93 13.40 -5.97
C SER A 5 -13.00 12.46 -5.20
N SER A 6 -13.32 12.23 -3.93
CA SER A 6 -12.52 11.36 -3.08
C SER A 6 -13.37 10.74 -1.97
N GLY A 7 -13.53 9.42 -2.02
CA GLY A 7 -14.31 8.74 -1.01
C GLY A 7 -13.46 7.97 -0.02
N GLN A 8 -13.74 6.69 0.13
CA GLN A 8 -12.99 5.84 1.05
C GLN A 8 -12.02 4.94 0.30
N ARG A 9 -10.74 5.25 0.38
CA ARG A 9 -9.71 4.46 -0.30
C ARG A 9 -9.17 3.36 0.63
N VAL A 10 -8.47 2.40 0.04
CA VAL A 10 -7.90 1.30 0.81
C VAL A 10 -6.39 1.22 0.62
N TYR A 11 -5.68 0.85 1.68
CA TYR A 11 -4.23 0.74 1.64
C TYR A 11 -3.80 -0.41 0.72
N GLU A 12 -3.62 -0.10 -0.56
CA GLU A 12 -3.20 -1.11 -1.53
C GLU A 12 -1.70 -1.02 -1.80
N CYS A 13 -1.11 -2.15 -2.17
CA CYS A 13 0.31 -2.21 -2.46
C CYS A 13 0.61 -1.72 -3.88
N GLN A 14 1.52 -0.76 -3.99
CA GLN A 14 1.88 -0.20 -5.29
C GLN A 14 3.16 -0.86 -5.82
N GLU A 15 3.32 -2.15 -5.54
CA GLU A 15 4.49 -2.89 -5.98
C GLU A 15 4.08 -4.23 -6.59
N CYS A 16 3.22 -4.95 -5.89
CA CYS A 16 2.75 -6.25 -6.37
C CYS A 16 1.25 -6.21 -6.66
N GLY A 17 0.54 -5.34 -5.96
CA GLY A 17 -0.89 -5.22 -6.16
C GLY A 17 -1.68 -6.09 -5.20
N LYS A 18 -1.84 -5.63 -3.97
CA LYS A 18 -2.58 -6.38 -2.96
C LYS A 18 -3.25 -5.43 -1.97
N SER A 19 -4.55 -5.64 -1.75
CA SER A 19 -5.31 -4.80 -0.82
C SER A 19 -5.27 -5.37 0.58
N PHE A 20 -5.33 -4.49 1.58
CA PHE A 20 -5.31 -4.91 2.98
C PHE A 20 -6.45 -4.27 3.75
N ARG A 21 -6.74 -4.83 4.93
CA ARG A 21 -7.82 -4.32 5.76
C ARG A 21 -7.30 -3.20 6.68
N GLN A 22 -6.26 -3.51 7.44
CA GLN A 22 -5.67 -2.54 8.36
C GLN A 22 -4.44 -1.88 7.74
N LYS A 23 -4.21 -0.62 8.07
CA LYS A 23 -3.07 0.12 7.56
C LYS A 23 -1.77 -0.61 7.88
N GLY A 24 -1.61 -1.00 9.15
CA GLY A 24 -0.41 -1.70 9.56
C GLY A 24 -0.14 -2.95 8.73
N SER A 25 -1.21 -3.60 8.29
CA SER A 25 -1.09 -4.80 7.49
C SER A 25 -0.17 -4.58 6.29
N LEU A 26 -0.46 -3.53 5.52
CA LEU A 26 0.33 -3.20 4.36
C LEU A 26 1.75 -2.80 4.75
N THR A 27 1.86 -1.97 5.78
CA THR A 27 3.15 -1.52 6.27
C THR A 27 4.09 -2.69 6.53
N LEU A 28 3.55 -3.76 7.09
CA LEU A 28 4.34 -4.95 7.38
C LEU A 28 4.67 -5.71 6.10
N HIS A 29 3.80 -5.58 5.10
CA HIS A 29 4.01 -6.26 3.83
C HIS A 29 5.18 -5.64 3.06
N GLU A 30 5.42 -4.36 3.29
CA GLU A 30 6.52 -3.65 2.64
C GLU A 30 7.85 -4.31 2.95
N ARG A 31 7.90 -5.06 4.05
CA ARG A 31 9.12 -5.73 4.47
C ARG A 31 9.71 -6.55 3.31
N ILE A 32 8.90 -7.43 2.75
CA ILE A 32 9.35 -8.27 1.64
C ILE A 32 9.69 -7.43 0.41
N HIS A 33 9.17 -6.21 0.39
CA HIS A 33 9.42 -5.30 -0.73
C HIS A 33 10.61 -4.39 -0.43
N THR A 34 11.78 -5.01 -0.24
CA THR A 34 12.99 -4.25 0.05
C THR A 34 13.99 -4.35 -1.09
N GLY A 35 13.90 -5.44 -1.86
CA GLY A 35 14.80 -5.64 -2.97
C GLY A 35 14.34 -4.92 -4.24
N SER A 36 15.30 -4.34 -4.95
CA SER A 36 14.99 -3.61 -6.18
C SER A 36 15.82 -4.13 -7.35
N GLY A 37 15.20 -4.18 -8.53
CA GLY A 37 15.90 -4.67 -9.71
C GLY A 37 16.30 -6.13 -9.59
N PRO A 38 16.93 -6.65 -10.65
CA PRO A 38 17.38 -8.05 -10.69
C PRO A 38 18.54 -8.31 -9.73
N SER A 39 19.33 -7.27 -9.47
CA SER A 39 20.47 -7.39 -8.58
C SER A 39 20.58 -6.17 -7.67
N SER A 40 21.25 -6.35 -6.53
CA SER A 40 21.42 -5.26 -5.58
C SER A 40 22.18 -4.10 -6.20
N GLY A 41 21.52 -2.94 -6.24
CA GLY A 41 22.14 -1.76 -6.82
C GLY A 41 21.13 -0.66 -7.11
N GLY A 1 -16.09 20.92 1.51
CA GLY A 1 -16.13 19.70 0.75
C GLY A 1 -16.27 18.47 1.64
N SER A 2 -17.33 17.70 1.43
CA SER A 2 -17.58 16.51 2.22
C SER A 2 -17.42 15.25 1.37
N SER A 3 -17.67 15.39 0.07
CA SER A 3 -17.56 14.27 -0.86
C SER A 3 -17.47 14.75 -2.29
N GLY A 4 -16.90 13.92 -3.17
CA GLY A 4 -16.75 14.29 -4.55
C GLY A 4 -15.80 13.37 -5.30
N SER A 5 -14.58 13.83 -5.51
CA SER A 5 -13.58 13.04 -6.22
C SER A 5 -13.39 11.68 -5.57
N SER A 6 -13.27 11.68 -4.24
CA SER A 6 -13.08 10.44 -3.50
C SER A 6 -13.44 10.63 -2.03
N GLY A 7 -13.47 9.53 -1.27
CA GLY A 7 -13.80 9.61 0.13
C GLY A 7 -12.95 8.66 0.97
N GLN A 8 -12.98 7.38 0.63
CA GLN A 8 -12.22 6.37 1.35
C GLN A 8 -11.43 5.50 0.40
N ARG A 9 -10.16 5.29 0.70
CA ARG A 9 -9.28 4.47 -0.13
C ARG A 9 -8.55 3.43 0.70
N VAL A 10 -8.62 2.17 0.28
CA VAL A 10 -7.96 1.09 0.99
C VAL A 10 -6.45 1.12 0.77
N TYR A 11 -5.71 0.61 1.73
CA TYR A 11 -4.25 0.57 1.65
C TYR A 11 -3.78 -0.55 0.74
N GLU A 12 -3.80 -0.30 -0.56
CA GLU A 12 -3.38 -1.30 -1.54
C GLU A 12 -1.90 -1.13 -1.88
N CYS A 13 -1.21 -2.25 -2.03
CA CYS A 13 0.21 -2.24 -2.36
C CYS A 13 0.45 -1.66 -3.76
N GLN A 14 1.45 -0.80 -3.88
CA GLN A 14 1.78 -0.19 -5.16
C GLN A 14 3.05 -0.80 -5.75
N GLU A 15 3.28 -2.07 -5.45
CA GLU A 15 4.46 -2.76 -5.96
C GLU A 15 4.07 -4.09 -6.63
N CYS A 16 3.23 -4.87 -5.95
CA CYS A 16 2.79 -6.14 -6.48
C CYS A 16 1.28 -6.14 -6.72
N GLY A 17 0.57 -5.30 -5.97
CA GLY A 17 -0.87 -5.21 -6.12
C GLY A 17 -1.60 -6.12 -5.16
N LYS A 18 -1.82 -5.63 -3.94
CA LYS A 18 -2.52 -6.41 -2.92
C LYS A 18 -3.21 -5.50 -1.92
N SER A 19 -4.52 -5.69 -1.74
CA SER A 19 -5.30 -4.87 -0.82
C SER A 19 -5.24 -5.45 0.59
N PHE A 20 -5.34 -4.58 1.59
CA PHE A 20 -5.30 -5.01 2.98
C PHE A 20 -6.46 -4.40 3.76
N ARG A 21 -6.74 -4.98 4.94
CA ARG A 21 -7.83 -4.50 5.78
C ARG A 21 -7.40 -3.26 6.57
N GLN A 22 -6.36 -3.43 7.37
CA GLN A 22 -5.85 -2.33 8.19
C GLN A 22 -4.64 -1.67 7.52
N LYS A 23 -4.26 -0.50 8.03
CA LYS A 23 -3.12 0.23 7.47
C LYS A 23 -1.82 -0.49 7.78
N GLY A 24 -1.61 -0.83 9.06
CA GLY A 24 -0.40 -1.52 9.46
C GLY A 24 -0.16 -2.79 8.66
N SER A 25 -1.24 -3.42 8.23
CA SER A 25 -1.14 -4.65 7.45
C SER A 25 -0.23 -4.45 6.23
N LEU A 26 -0.50 -3.40 5.47
CA LEU A 26 0.29 -3.09 4.28
C LEU A 26 1.72 -2.71 4.65
N THR A 27 1.86 -1.96 5.74
CA THR A 27 3.17 -1.53 6.20
C THR A 27 4.09 -2.72 6.43
N LEU A 28 3.57 -3.77 7.06
CA LEU A 28 4.34 -4.97 7.33
C LEU A 28 4.67 -5.71 6.03
N HIS A 29 3.80 -5.58 5.04
CA HIS A 29 4.01 -6.23 3.75
C HIS A 29 5.18 -5.61 3.01
N GLU A 30 5.44 -4.33 3.29
CA GLU A 30 6.54 -3.62 2.64
C GLU A 30 7.87 -4.29 2.94
N ARG A 31 7.90 -5.08 4.02
CA ARG A 31 9.12 -5.77 4.41
C ARG A 31 9.71 -6.56 3.25
N ILE A 32 8.89 -7.43 2.66
CA ILE A 32 9.33 -8.24 1.53
C ILE A 32 9.68 -7.36 0.33
N HIS A 33 9.19 -6.14 0.33
CA HIS A 33 9.46 -5.20 -0.76
C HIS A 33 10.65 -4.32 -0.44
N THR A 34 11.81 -4.95 -0.27
CA THR A 34 13.04 -4.23 0.05
C THR A 34 14.27 -4.98 -0.44
N GLY A 35 15.07 -4.32 -1.25
CA GLY A 35 16.28 -4.94 -1.78
C GLY A 35 17.51 -4.07 -1.63
N SER A 36 18.55 -4.38 -2.39
CA SER A 36 19.79 -3.61 -2.32
C SER A 36 19.71 -2.37 -3.21
N GLY A 37 18.70 -1.53 -2.96
CA GLY A 37 18.54 -0.33 -3.73
C GLY A 37 17.17 0.30 -3.54
N PRO A 38 16.96 0.93 -2.37
CA PRO A 38 15.69 1.58 -2.03
C PRO A 38 15.45 2.84 -2.86
N SER A 39 14.27 2.93 -3.47
CA SER A 39 13.92 4.07 -4.29
C SER A 39 12.65 4.74 -3.77
N SER A 40 12.82 5.68 -2.84
CA SER A 40 11.69 6.38 -2.25
C SER A 40 12.15 7.69 -1.61
N GLY A 41 11.52 8.80 -2.01
CA GLY A 41 11.88 10.09 -1.47
C GLY A 41 11.21 10.36 -0.13
N GLY A 1 -12.35 24.90 -6.46
CA GLY A 1 -11.52 23.86 -7.05
C GLY A 1 -12.31 22.59 -7.34
N SER A 2 -12.02 21.97 -8.48
CA SER A 2 -12.71 20.74 -8.87
C SER A 2 -12.13 19.54 -8.14
N SER A 3 -12.36 19.48 -6.83
CA SER A 3 -11.85 18.39 -6.02
C SER A 3 -12.45 18.44 -4.60
N GLY A 4 -12.28 17.36 -3.86
CA GLY A 4 -12.81 17.31 -2.50
C GLY A 4 -13.43 15.97 -2.18
N SER A 5 -12.66 14.89 -2.36
CA SER A 5 -13.15 13.55 -2.08
C SER A 5 -13.47 13.38 -0.59
N SER A 6 -14.69 12.94 -0.30
CA SER A 6 -15.11 12.73 1.09
C SER A 6 -15.18 11.24 1.42
N GLY A 7 -14.10 10.73 1.99
CA GLY A 7 -14.07 9.32 2.35
C GLY A 7 -12.65 8.85 2.68
N GLN A 8 -12.30 7.67 2.18
CA GLN A 8 -10.98 7.10 2.42
C GLN A 8 -10.66 6.01 1.41
N ARG A 9 -9.38 5.83 1.13
CA ARG A 9 -8.94 4.82 0.17
C ARG A 9 -8.31 3.62 0.89
N VAL A 10 -8.46 2.44 0.30
CA VAL A 10 -7.90 1.22 0.88
C VAL A 10 -6.39 1.18 0.73
N TYR A 11 -5.72 0.61 1.72
CA TYR A 11 -4.27 0.50 1.71
C TYR A 11 -3.82 -0.62 0.76
N GLU A 12 -3.73 -0.31 -0.52
CA GLU A 12 -3.32 -1.28 -1.53
C GLU A 12 -1.83 -1.13 -1.84
N CYS A 13 -1.20 -2.25 -2.19
CA CYS A 13 0.23 -2.24 -2.52
C CYS A 13 0.44 -1.86 -3.98
N GLN A 14 1.28 -0.84 -4.20
CA GLN A 14 1.57 -0.37 -5.55
C GLN A 14 2.86 -1.02 -6.08
N GLU A 15 3.19 -2.19 -5.55
CA GLU A 15 4.39 -2.90 -5.97
C GLU A 15 4.02 -4.24 -6.61
N CYS A 16 3.19 -5.01 -5.92
CA CYS A 16 2.75 -6.31 -6.42
C CYS A 16 1.25 -6.34 -6.65
N GLY A 17 0.52 -5.53 -5.90
CA GLY A 17 -0.92 -5.47 -6.04
C GLY A 17 -1.64 -6.32 -5.02
N LYS A 18 -1.77 -5.82 -3.81
CA LYS A 18 -2.44 -6.54 -2.74
C LYS A 18 -3.09 -5.58 -1.75
N SER A 19 -4.41 -5.66 -1.63
CA SER A 19 -5.16 -4.80 -0.72
C SER A 19 -5.07 -5.31 0.71
N PHE A 20 -5.14 -4.39 1.67
CA PHE A 20 -5.07 -4.75 3.08
C PHE A 20 -6.13 -4.00 3.89
N ARG A 21 -7.10 -4.74 4.41
CA ARG A 21 -8.17 -4.15 5.20
C ARG A 21 -7.61 -3.29 6.34
N GLN A 22 -6.42 -3.66 6.81
CA GLN A 22 -5.77 -2.94 7.89
C GLN A 22 -4.63 -2.08 7.36
N LYS A 23 -4.40 -0.95 8.01
CA LYS A 23 -3.33 -0.04 7.61
C LYS A 23 -1.97 -0.65 7.90
N GLY A 24 -1.76 -1.10 9.14
CA GLY A 24 -0.50 -1.70 9.51
C GLY A 24 -0.16 -2.93 8.68
N SER A 25 -1.20 -3.61 8.20
CA SER A 25 -1.01 -4.81 7.39
C SER A 25 -0.13 -4.51 6.18
N LEU A 26 -0.42 -3.41 5.50
CA LEU A 26 0.33 -3.01 4.32
C LEU A 26 1.75 -2.60 4.70
N THR A 27 1.88 -1.91 5.83
CA THR A 27 3.18 -1.45 6.30
C THR A 27 4.12 -2.63 6.53
N LEU A 28 3.62 -3.67 7.17
CA LEU A 28 4.42 -4.86 7.45
C LEU A 28 4.71 -5.63 6.17
N HIS A 29 3.83 -5.49 5.18
CA HIS A 29 4.01 -6.16 3.90
C HIS A 29 5.17 -5.56 3.12
N GLU A 30 5.44 -4.27 3.36
CA GLU A 30 6.52 -3.58 2.67
C GLU A 30 7.86 -4.24 2.97
N ARG A 31 7.92 -5.01 4.06
CA ARG A 31 9.14 -5.69 4.46
C ARG A 31 9.71 -6.51 3.29
N ILE A 32 8.88 -7.38 2.74
CA ILE A 32 9.30 -8.22 1.62
C ILE A 32 9.64 -7.38 0.39
N HIS A 33 9.14 -6.15 0.38
CA HIS A 33 9.38 -5.23 -0.74
C HIS A 33 10.59 -4.34 -0.45
N THR A 34 11.73 -4.97 -0.15
CA THR A 34 12.95 -4.24 0.15
C THR A 34 13.54 -3.61 -1.11
N GLY A 35 13.36 -2.30 -1.26
CA GLY A 35 13.88 -1.61 -2.42
C GLY A 35 15.34 -1.23 -2.27
N SER A 36 15.70 -0.05 -2.77
CA SER A 36 17.07 0.43 -2.69
C SER A 36 17.23 1.45 -1.57
N GLY A 37 16.46 1.27 -0.49
CA GLY A 37 16.53 2.18 0.63
C GLY A 37 15.35 3.13 0.68
N PRO A 38 14.18 2.61 1.03
CA PRO A 38 12.94 3.41 1.12
C PRO A 38 12.97 4.39 2.28
N SER A 39 13.32 5.64 1.99
CA SER A 39 13.38 6.68 3.00
C SER A 39 12.00 7.27 3.28
N SER A 40 11.29 7.60 2.20
CA SER A 40 9.95 8.17 2.32
C SER A 40 10.01 9.52 3.03
N GLY A 41 11.15 10.19 2.93
CA GLY A 41 11.31 11.48 3.57
C GLY A 41 11.63 11.37 5.04
N GLY A 1 -26.67 -8.62 -2.48
CA GLY A 1 -25.89 -9.38 -3.45
C GLY A 1 -25.39 -8.52 -4.60
N SER A 2 -25.17 -7.23 -4.31
CA SER A 2 -24.70 -6.30 -5.33
C SER A 2 -23.40 -5.63 -4.88
N SER A 3 -22.28 -6.21 -5.28
CA SER A 3 -20.96 -5.67 -4.93
C SER A 3 -20.85 -4.22 -5.35
N GLY A 4 -19.85 -3.53 -4.81
CA GLY A 4 -19.64 -2.13 -5.14
C GLY A 4 -20.16 -1.19 -4.07
N SER A 5 -20.70 -0.05 -4.49
CA SER A 5 -21.22 0.93 -3.56
C SER A 5 -20.19 1.31 -2.50
N SER A 6 -18.92 1.22 -2.88
CA SER A 6 -17.83 1.54 -1.96
C SER A 6 -16.94 2.65 -2.53
N GLY A 7 -17.23 3.88 -2.13
CA GLY A 7 -16.46 5.01 -2.61
C GLY A 7 -15.45 5.49 -1.58
N GLN A 8 -14.53 4.61 -1.21
CA GLN A 8 -13.50 4.96 -0.24
C GLN A 8 -12.12 4.58 -0.74
N ARG A 9 -11.11 4.82 0.09
CA ARG A 9 -9.73 4.49 -0.28
C ARG A 9 -9.18 3.37 0.61
N VAL A 10 -8.43 2.47 0.01
CA VAL A 10 -7.84 1.34 0.73
C VAL A 10 -6.33 1.32 0.57
N TYR A 11 -5.63 0.86 1.61
CA TYR A 11 -4.18 0.78 1.58
C TYR A 11 -3.70 -0.37 0.69
N GLU A 12 -3.76 -0.15 -0.62
CA GLU A 12 -3.34 -1.16 -1.58
C GLU A 12 -1.86 -1.00 -1.93
N CYS A 13 -1.19 -2.14 -2.11
CA CYS A 13 0.24 -2.13 -2.45
C CYS A 13 0.46 -1.69 -3.89
N GLN A 14 1.26 -0.64 -4.07
CA GLN A 14 1.55 -0.13 -5.39
C GLN A 14 2.85 -0.71 -5.94
N GLU A 15 3.23 -1.87 -5.42
CA GLU A 15 4.46 -2.54 -5.85
C GLU A 15 4.15 -3.85 -6.54
N CYS A 16 3.34 -4.69 -5.89
CA CYS A 16 2.97 -5.98 -6.45
C CYS A 16 1.46 -6.06 -6.69
N GLY A 17 0.70 -5.30 -5.91
CA GLY A 17 -0.74 -5.29 -6.06
C GLY A 17 -1.43 -6.19 -5.05
N LYS A 18 -1.70 -5.65 -3.87
CA LYS A 18 -2.36 -6.42 -2.81
C LYS A 18 -3.11 -5.50 -1.86
N SER A 19 -4.40 -5.79 -1.66
CA SER A 19 -5.24 -4.98 -0.79
C SER A 19 -5.21 -5.53 0.64
N PHE A 20 -5.44 -4.66 1.60
CA PHE A 20 -5.45 -5.04 3.02
C PHE A 20 -6.66 -4.47 3.73
N ARG A 21 -6.76 -4.75 5.03
CA ARG A 21 -7.87 -4.26 5.84
C ARG A 21 -7.39 -3.20 6.83
N GLN A 22 -6.17 -3.36 7.31
CA GLN A 22 -5.61 -2.42 8.27
C GLN A 22 -4.38 -1.73 7.70
N LYS A 23 -4.17 -0.46 8.07
CA LYS A 23 -3.04 0.30 7.59
C LYS A 23 -1.73 -0.40 7.93
N GLY A 24 -1.66 -0.99 9.12
CA GLY A 24 -0.46 -1.70 9.53
C GLY A 24 -0.19 -2.94 8.70
N SER A 25 -1.25 -3.59 8.25
CA SER A 25 -1.12 -4.79 7.44
C SER A 25 -0.23 -4.54 6.23
N LEU A 26 -0.47 -3.42 5.54
CA LEU A 26 0.32 -3.07 4.36
C LEU A 26 1.74 -2.70 4.75
N THR A 27 1.88 -1.99 5.86
CA THR A 27 3.19 -1.57 6.35
C THR A 27 4.11 -2.77 6.55
N LEU A 28 3.57 -3.82 7.16
CA LEU A 28 4.35 -5.03 7.42
C LEU A 28 4.69 -5.75 6.11
N HIS A 29 3.76 -5.67 5.15
CA HIS A 29 3.97 -6.31 3.85
C HIS A 29 5.16 -5.70 3.13
N GLU A 30 5.42 -4.43 3.40
CA GLU A 30 6.53 -3.72 2.77
C GLU A 30 7.87 -4.40 3.08
N ARG A 31 7.88 -5.20 4.15
CA ARG A 31 9.09 -5.91 4.56
C ARG A 31 9.68 -6.69 3.39
N ILE A 32 8.85 -7.54 2.78
CA ILE A 32 9.30 -8.36 1.65
C ILE A 32 9.68 -7.48 0.47
N HIS A 33 9.18 -6.24 0.46
CA HIS A 33 9.46 -5.31 -0.61
C HIS A 33 10.73 -4.51 -0.31
N THR A 34 11.88 -5.08 -0.66
CA THR A 34 13.16 -4.42 -0.44
C THR A 34 14.13 -4.69 -1.58
N GLY A 35 14.95 -3.71 -1.91
CA GLY A 35 15.92 -3.86 -2.98
C GLY A 35 17.24 -3.19 -2.67
N SER A 36 17.81 -3.51 -1.52
CA SER A 36 19.08 -2.92 -1.10
C SER A 36 19.02 -1.40 -1.19
N GLY A 37 17.84 -0.84 -0.98
CA GLY A 37 17.67 0.60 -1.03
C GLY A 37 17.96 1.27 0.30
N PRO A 38 17.01 1.14 1.25
CA PRO A 38 17.14 1.73 2.58
C PRO A 38 18.21 1.04 3.42
N SER A 39 19.43 1.56 3.36
CA SER A 39 20.54 0.99 4.11
C SER A 39 21.47 2.09 4.61
N SER A 40 22.56 1.68 5.26
CA SER A 40 23.53 2.62 5.79
C SER A 40 24.95 2.05 5.73
N GLY A 41 25.89 2.87 5.30
CA GLY A 41 27.27 2.43 5.20
C GLY A 41 27.64 1.97 3.81
N GLY A 1 -24.13 5.14 -9.38
CA GLY A 1 -23.10 5.04 -8.35
C GLY A 1 -22.43 6.38 -8.08
N SER A 2 -21.10 6.40 -8.14
CA SER A 2 -20.35 7.62 -7.90
C SER A 2 -18.88 7.42 -8.25
N SER A 3 -18.32 8.38 -8.99
CA SER A 3 -16.92 8.32 -9.39
C SER A 3 -16.39 9.70 -9.74
N GLY A 4 -15.07 9.85 -9.69
CA GLY A 4 -14.45 11.14 -9.99
C GLY A 4 -14.39 12.06 -8.79
N SER A 5 -14.35 11.47 -7.61
CA SER A 5 -14.29 12.23 -6.38
C SER A 5 -12.99 11.96 -5.61
N SER A 6 -12.65 12.86 -4.70
CA SER A 6 -11.43 12.71 -3.91
C SER A 6 -11.74 12.08 -2.56
N GLY A 7 -10.69 11.82 -1.78
CA GLY A 7 -10.86 11.22 -0.47
C GLY A 7 -9.91 10.07 -0.24
N GLN A 8 -9.97 9.48 0.95
CA GLN A 8 -9.12 8.35 1.30
C GLN A 8 -9.54 7.09 0.56
N ARG A 9 -8.73 6.04 0.67
CA ARG A 9 -9.03 4.78 0.01
C ARG A 9 -8.41 3.62 0.78
N VAL A 10 -8.64 2.40 0.28
CA VAL A 10 -8.10 1.20 0.92
C VAL A 10 -6.61 1.06 0.65
N TYR A 11 -5.85 0.77 1.70
CA TYR A 11 -4.41 0.62 1.59
C TYR A 11 -4.06 -0.50 0.61
N GLU A 12 -3.61 -0.12 -0.58
CA GLU A 12 -3.24 -1.09 -1.60
C GLU A 12 -1.74 -1.03 -1.90
N CYS A 13 -1.16 -2.18 -2.23
CA CYS A 13 0.25 -2.25 -2.53
C CYS A 13 0.53 -1.87 -3.99
N GLN A 14 1.37 -0.87 -4.19
CA GLN A 14 1.72 -0.41 -5.52
C GLN A 14 2.97 -1.10 -6.03
N GLU A 15 3.33 -2.22 -5.41
CA GLU A 15 4.51 -2.98 -5.80
C GLU A 15 4.13 -4.27 -6.51
N CYS A 16 3.24 -5.03 -5.89
CA CYS A 16 2.78 -6.29 -6.46
C CYS A 16 1.28 -6.26 -6.74
N GLY A 17 0.56 -5.48 -5.94
CA GLY A 17 -0.89 -5.37 -6.12
C GLY A 17 -1.65 -6.21 -5.11
N LYS A 18 -1.78 -5.69 -3.89
CA LYS A 18 -2.50 -6.41 -2.84
C LYS A 18 -3.06 -5.43 -1.82
N SER A 19 -4.38 -5.49 -1.60
CA SER A 19 -5.03 -4.61 -0.64
C SER A 19 -5.15 -5.28 0.72
N PHE A 20 -5.15 -4.47 1.77
CA PHE A 20 -5.25 -4.98 3.14
C PHE A 20 -6.38 -4.28 3.90
N ARG A 21 -7.08 -5.05 4.72
CA ARG A 21 -8.19 -4.50 5.50
C ARG A 21 -7.67 -3.53 6.56
N GLN A 22 -6.45 -3.76 7.03
CA GLN A 22 -5.84 -2.91 8.04
C GLN A 22 -4.69 -2.11 7.46
N LYS A 23 -4.41 -0.96 8.06
CA LYS A 23 -3.32 -0.10 7.60
C LYS A 23 -1.97 -0.71 7.94
N GLY A 24 -1.79 -1.07 9.21
CA GLY A 24 -0.53 -1.66 9.63
C GLY A 24 -0.12 -2.84 8.78
N SER A 25 -1.10 -3.60 8.30
CA SER A 25 -0.83 -4.76 7.46
C SER A 25 0.07 -4.39 6.29
N LEU A 26 -0.42 -3.50 5.44
CA LEU A 26 0.35 -3.05 4.27
C LEU A 26 1.74 -2.57 4.68
N THR A 27 1.81 -1.89 5.82
CA THR A 27 3.07 -1.37 6.32
C THR A 27 4.06 -2.51 6.59
N LEU A 28 3.55 -3.61 7.12
CA LEU A 28 4.38 -4.77 7.42
C LEU A 28 4.71 -5.55 6.16
N HIS A 29 3.79 -5.51 5.20
CA HIS A 29 3.97 -6.22 3.94
C HIS A 29 5.13 -5.63 3.14
N GLU A 30 5.37 -4.34 3.34
CA GLU A 30 6.44 -3.64 2.64
C GLU A 30 7.80 -4.28 2.96
N ARG A 31 7.86 -5.01 4.07
CA ARG A 31 9.09 -5.66 4.49
C ARG A 31 9.68 -6.49 3.35
N ILE A 32 8.88 -7.40 2.81
CA ILE A 32 9.32 -8.25 1.72
C ILE A 32 9.67 -7.43 0.48
N HIS A 33 9.15 -6.21 0.43
CA HIS A 33 9.41 -5.32 -0.70
C HIS A 33 10.60 -4.41 -0.41
N THR A 34 11.80 -4.98 -0.51
CA THR A 34 13.03 -4.22 -0.27
C THR A 34 13.58 -3.65 -1.56
N GLY A 35 14.22 -2.48 -1.46
CA GLY A 35 14.79 -1.84 -2.63
C GLY A 35 15.94 -2.63 -3.21
N SER A 36 17.15 -2.35 -2.73
CA SER A 36 18.34 -3.05 -3.22
C SER A 36 18.21 -4.55 -3.02
N GLY A 37 19.17 -5.30 -3.57
CA GLY A 37 19.14 -6.74 -3.45
C GLY A 37 19.72 -7.22 -2.12
N PRO A 38 19.50 -8.50 -1.81
CA PRO A 38 19.99 -9.11 -0.56
C PRO A 38 21.50 -9.26 -0.55
N SER A 39 22.13 -8.72 0.49
CA SER A 39 23.59 -8.79 0.63
C SER A 39 23.98 -9.53 1.91
N SER A 40 25.27 -9.78 2.06
CA SER A 40 25.78 -10.48 3.24
C SER A 40 26.32 -9.49 4.27
N GLY A 41 26.66 -10.00 5.45
CA GLY A 41 27.18 -9.15 6.50
C GLY A 41 28.38 -9.76 7.19
N GLY A 1 -3.91 22.29 9.35
CA GLY A 1 -3.20 21.23 10.04
C GLY A 1 -2.34 20.40 9.11
N SER A 2 -2.99 19.69 8.19
CA SER A 2 -2.28 18.85 7.24
C SER A 2 -1.41 17.82 7.96
N SER A 3 -2.00 17.17 8.96
CA SER A 3 -1.29 16.16 9.73
C SER A 3 -2.24 15.04 10.17
N GLY A 4 -1.71 14.09 10.94
CA GLY A 4 -2.51 12.99 11.42
C GLY A 4 -2.62 11.87 10.41
N SER A 5 -3.80 11.25 10.33
CA SER A 5 -4.02 10.15 9.40
C SER A 5 -4.46 10.68 8.03
N SER A 6 -4.45 9.80 7.03
CA SER A 6 -4.83 10.17 5.69
C SER A 6 -4.92 8.95 4.78
N GLY A 7 -5.67 9.07 3.69
CA GLY A 7 -5.82 7.96 2.76
C GLY A 7 -7.07 7.15 3.03
N GLN A 8 -8.23 7.73 2.76
CA GLN A 8 -9.51 7.06 2.98
C GLN A 8 -9.57 5.75 2.19
N ARG A 9 -8.86 5.72 1.06
CA ARG A 9 -8.84 4.53 0.22
C ARG A 9 -8.15 3.36 0.92
N VAL A 10 -8.55 2.15 0.58
CA VAL A 10 -7.97 0.95 1.18
C VAL A 10 -6.48 0.87 0.92
N TYR A 11 -5.72 0.50 1.94
CA TYR A 11 -4.27 0.38 1.82
C TYR A 11 -3.89 -0.74 0.87
N GLU A 12 -3.62 -0.38 -0.39
CA GLU A 12 -3.24 -1.36 -1.40
C GLU A 12 -1.75 -1.26 -1.72
N CYS A 13 -1.15 -2.40 -2.06
CA CYS A 13 0.27 -2.44 -2.39
C CYS A 13 0.52 -1.94 -3.81
N GLN A 14 1.37 -0.93 -3.94
CA GLN A 14 1.69 -0.36 -5.24
C GLN A 14 2.98 -0.96 -5.80
N GLU A 15 3.25 -2.21 -5.44
CA GLU A 15 4.45 -2.90 -5.90
C GLU A 15 4.10 -4.24 -6.53
N CYS A 16 3.28 -5.01 -5.82
CA CYS A 16 2.87 -6.33 -6.29
C CYS A 16 1.37 -6.38 -6.54
N GLY A 17 0.63 -5.53 -5.82
CA GLY A 17 -0.82 -5.50 -5.97
C GLY A 17 -1.53 -6.34 -4.95
N LYS A 18 -1.80 -5.76 -3.78
CA LYS A 18 -2.48 -6.47 -2.71
C LYS A 18 -3.26 -5.50 -1.82
N SER A 19 -4.55 -5.73 -1.68
CA SER A 19 -5.40 -4.88 -0.85
C SER A 19 -5.38 -5.34 0.60
N PHE A 20 -5.33 -4.36 1.51
CA PHE A 20 -5.29 -4.66 2.94
C PHE A 20 -6.33 -3.83 3.69
N ARG A 21 -7.23 -4.51 4.40
CA ARG A 21 -8.27 -3.83 5.16
C ARG A 21 -7.67 -2.92 6.22
N GLN A 22 -6.61 -3.38 6.87
CA GLN A 22 -5.93 -2.61 7.90
C GLN A 22 -4.75 -1.85 7.33
N LYS A 23 -4.34 -0.79 8.02
CA LYS A 23 -3.22 0.03 7.58
C LYS A 23 -1.89 -0.67 7.86
N GLY A 24 -1.66 -1.01 9.13
CA GLY A 24 -0.43 -1.69 9.50
C GLY A 24 -0.18 -2.93 8.65
N SER A 25 -1.25 -3.58 8.22
CA SER A 25 -1.14 -4.78 7.40
C SER A 25 -0.25 -4.53 6.19
N LEU A 26 -0.47 -3.41 5.51
CA LEU A 26 0.30 -3.06 4.32
C LEU A 26 1.72 -2.67 4.71
N THR A 27 1.85 -1.92 5.80
CA THR A 27 3.16 -1.47 6.27
C THR A 27 4.11 -2.65 6.43
N LEU A 28 3.65 -3.69 7.12
CA LEU A 28 4.47 -4.88 7.35
C LEU A 28 4.65 -5.66 6.06
N HIS A 29 3.69 -5.52 5.15
CA HIS A 29 3.74 -6.22 3.87
C HIS A 29 4.84 -5.65 2.98
N GLU A 30 5.20 -4.39 3.22
CA GLU A 30 6.23 -3.71 2.44
C GLU A 30 7.61 -4.27 2.78
N ARG A 31 7.68 -5.05 3.87
CA ARG A 31 8.94 -5.64 4.30
C ARG A 31 9.62 -6.38 3.15
N ILE A 32 8.92 -7.35 2.58
CA ILE A 32 9.46 -8.13 1.47
C ILE A 32 9.94 -7.22 0.34
N HIS A 33 9.29 -6.07 0.21
CA HIS A 33 9.64 -5.11 -0.83
C HIS A 33 10.75 -4.19 -0.37
N THR A 34 11.99 -4.66 -0.48
CA THR A 34 13.16 -3.88 -0.06
C THR A 34 14.30 -4.02 -1.06
N GLY A 35 15.31 -3.16 -0.92
CA GLY A 35 16.45 -3.22 -1.81
C GLY A 35 16.98 -1.84 -2.14
N SER A 36 17.21 -1.59 -3.42
CA SER A 36 17.74 -0.30 -3.87
C SER A 36 19.07 0.01 -3.21
N GLY A 37 19.95 -0.99 -3.18
CA GLY A 37 21.25 -0.82 -2.56
C GLY A 37 21.87 -2.12 -2.11
N PRO A 38 23.10 -2.05 -1.58
CA PRO A 38 23.82 -3.23 -1.09
C PRO A 38 23.20 -3.80 0.18
N SER A 39 23.72 -4.94 0.62
CA SER A 39 23.22 -5.60 1.82
C SER A 39 24.11 -5.29 3.02
N SER A 40 25.42 -5.48 2.84
CA SER A 40 26.38 -5.22 3.91
C SER A 40 27.28 -4.05 3.55
N GLY A 41 26.82 -2.84 3.83
CA GLY A 41 27.61 -1.65 3.53
C GLY A 41 28.82 -1.52 4.42
N GLY A 1 -25.55 17.56 -5.88
CA GLY A 1 -25.04 17.86 -4.55
C GLY A 1 -23.93 16.92 -4.13
N SER A 2 -23.04 16.59 -5.08
CA SER A 2 -21.93 15.70 -4.80
C SER A 2 -20.60 16.38 -5.12
N SER A 3 -19.53 15.90 -4.48
CA SER A 3 -18.20 16.46 -4.69
C SER A 3 -17.15 15.35 -4.78
N GLY A 4 -16.33 15.40 -5.83
CA GLY A 4 -15.30 14.40 -6.01
C GLY A 4 -14.15 14.56 -5.03
N SER A 5 -14.02 13.60 -4.12
CA SER A 5 -12.97 13.64 -3.12
C SER A 5 -12.33 12.26 -2.96
N SER A 6 -11.04 12.25 -2.61
CA SER A 6 -10.30 11.01 -2.43
C SER A 6 -10.22 10.64 -0.95
N GLY A 7 -11.37 10.61 -0.28
CA GLY A 7 -11.41 10.28 1.13
C GLY A 7 -11.60 8.80 1.37
N GLN A 8 -12.31 8.15 0.46
CA GLN A 8 -12.58 6.71 0.58
C GLN A 8 -11.57 5.90 -0.23
N ARG A 9 -10.43 5.59 0.39
CA ARG A 9 -9.38 4.84 -0.27
C ARG A 9 -8.90 3.68 0.61
N VAL A 10 -8.32 2.67 -0.01
CA VAL A 10 -7.81 1.51 0.72
C VAL A 10 -6.31 1.36 0.56
N TYR A 11 -5.65 0.84 1.58
CA TYR A 11 -4.21 0.64 1.56
C TYR A 11 -3.82 -0.50 0.62
N GLU A 12 -3.75 -0.20 -0.68
CA GLU A 12 -3.40 -1.20 -1.68
C GLU A 12 -1.92 -1.09 -2.06
N CYS A 13 -1.21 -2.21 -1.96
CA CYS A 13 0.21 -2.24 -2.29
C CYS A 13 0.44 -1.78 -3.73
N GLN A 14 1.36 -0.84 -3.90
CA GLN A 14 1.68 -0.30 -5.22
C GLN A 14 2.97 -0.92 -5.76
N GLU A 15 3.25 -2.15 -5.36
CA GLU A 15 4.45 -2.84 -5.79
C GLU A 15 4.11 -4.19 -6.41
N CYS A 16 3.23 -4.94 -5.75
CA CYS A 16 2.82 -6.25 -6.23
C CYS A 16 1.33 -6.27 -6.55
N GLY A 17 0.57 -5.45 -5.82
CA GLY A 17 -0.86 -5.39 -6.04
C GLY A 17 -1.64 -6.25 -5.06
N LYS A 18 -1.81 -5.76 -3.84
CA LYS A 18 -2.54 -6.49 -2.81
C LYS A 18 -3.19 -5.54 -1.82
N SER A 19 -4.51 -5.67 -1.66
CA SER A 19 -5.25 -4.82 -0.74
C SER A 19 -5.19 -5.37 0.67
N PHE A 20 -5.31 -4.47 1.66
CA PHE A 20 -5.27 -4.86 3.06
C PHE A 20 -6.36 -4.14 3.85
N ARG A 21 -7.09 -4.91 4.66
CA ARG A 21 -8.17 -4.35 5.47
C ARG A 21 -7.63 -3.25 6.39
N GLN A 22 -6.58 -3.56 7.13
CA GLN A 22 -5.98 -2.60 8.05
C GLN A 22 -4.81 -1.87 7.39
N LYS A 23 -4.35 -0.82 8.03
CA LYS A 23 -3.23 -0.03 7.51
C LYS A 23 -1.89 -0.68 7.84
N GLY A 24 -1.68 -0.97 9.12
CA GLY A 24 -0.45 -1.60 9.54
C GLY A 24 -0.15 -2.88 8.77
N SER A 25 -1.20 -3.55 8.32
CA SER A 25 -1.05 -4.80 7.57
C SER A 25 -0.17 -4.59 6.35
N LEU A 26 -0.38 -3.46 5.67
CA LEU A 26 0.40 -3.14 4.47
C LEU A 26 1.82 -2.72 4.84
N THR A 27 1.95 -2.04 5.97
CA THR A 27 3.25 -1.58 6.44
C THR A 27 4.24 -2.74 6.58
N LEU A 28 3.82 -3.77 7.29
CA LEU A 28 4.65 -4.95 7.50
C LEU A 28 4.86 -5.71 6.20
N HIS A 29 3.86 -5.64 5.32
CA HIS A 29 3.93 -6.32 4.03
C HIS A 29 5.05 -5.75 3.17
N GLU A 30 5.41 -4.49 3.44
CA GLU A 30 6.47 -3.83 2.69
C GLU A 30 7.83 -4.46 2.99
N ARG A 31 7.88 -5.28 4.03
CA ARG A 31 9.12 -5.94 4.44
C ARG A 31 9.76 -6.65 3.24
N ILE A 32 9.02 -7.56 2.63
CA ILE A 32 9.52 -8.31 1.48
C ILE A 32 9.92 -7.37 0.35
N HIS A 33 9.26 -6.22 0.28
CA HIS A 33 9.55 -5.23 -0.75
C HIS A 33 10.73 -4.36 -0.35
N THR A 34 11.93 -4.73 -0.79
CA THR A 34 13.13 -3.98 -0.47
C THR A 34 13.85 -3.52 -1.74
N GLY A 35 14.87 -2.69 -1.57
CA GLY A 35 15.62 -2.20 -2.71
C GLY A 35 15.39 -0.72 -2.93
N SER A 36 14.22 -0.36 -3.43
CA SER A 36 13.87 1.03 -3.70
C SER A 36 13.98 1.87 -2.43
N GLY A 37 13.66 1.25 -1.29
CA GLY A 37 13.73 1.96 -0.02
C GLY A 37 15.04 1.74 0.70
N PRO A 38 15.08 2.10 1.99
CA PRO A 38 16.28 1.96 2.82
C PRO A 38 16.59 0.50 3.13
N SER A 39 17.85 0.21 3.43
CA SER A 39 18.28 -1.15 3.75
C SER A 39 19.43 -1.14 4.73
N SER A 40 19.41 -2.07 5.68
CA SER A 40 20.46 -2.18 6.69
C SER A 40 21.64 -2.99 6.16
N GLY A 41 22.44 -2.37 5.30
CA GLY A 41 23.60 -3.03 4.73
C GLY A 41 24.76 -2.10 4.52
N GLY A 1 -22.40 12.43 -11.05
CA GLY A 1 -21.34 11.47 -11.30
C GLY A 1 -19.99 11.94 -10.81
N SER A 2 -19.99 12.90 -9.89
CA SER A 2 -18.76 13.44 -9.35
C SER A 2 -18.54 12.96 -7.91
N SER A 3 -17.27 12.83 -7.52
CA SER A 3 -16.93 12.38 -6.18
C SER A 3 -16.57 13.55 -5.28
N GLY A 4 -15.44 14.19 -5.57
CA GLY A 4 -15.00 15.32 -4.78
C GLY A 4 -14.63 14.93 -3.36
N SER A 5 -13.62 14.09 -3.23
CA SER A 5 -13.17 13.63 -1.92
C SER A 5 -14.33 13.04 -1.13
N SER A 6 -15.23 12.36 -1.82
CA SER A 6 -16.40 11.76 -1.18
C SER A 6 -16.32 10.24 -1.24
N GLY A 7 -15.10 9.71 -1.28
CA GLY A 7 -14.90 8.27 -1.34
C GLY A 7 -13.78 7.81 -0.45
N GLN A 8 -13.95 6.64 0.16
CA GLN A 8 -12.94 6.07 1.04
C GLN A 8 -11.80 5.45 0.24
N ARG A 9 -10.64 5.33 0.88
CA ARG A 9 -9.46 4.75 0.22
C ARG A 9 -9.00 3.49 0.95
N VAL A 10 -8.38 2.58 0.22
CA VAL A 10 -7.88 1.34 0.79
C VAL A 10 -6.39 1.18 0.55
N TYR A 11 -5.67 0.74 1.59
CA TYR A 11 -4.23 0.55 1.49
C TYR A 11 -3.89 -0.57 0.52
N GLU A 12 -3.58 -0.21 -0.72
CA GLU A 12 -3.24 -1.20 -1.74
C GLU A 12 -1.75 -1.13 -2.08
N CYS A 13 -1.11 -2.30 -2.08
CA CYS A 13 0.32 -2.37 -2.39
C CYS A 13 0.60 -1.86 -3.79
N GLN A 14 1.56 -0.93 -3.89
CA GLN A 14 1.92 -0.36 -5.17
C GLN A 14 3.18 -1.02 -5.73
N GLU A 15 3.39 -2.29 -5.37
CA GLU A 15 4.54 -3.03 -5.84
C GLU A 15 4.13 -4.38 -6.42
N CYS A 16 3.26 -5.08 -5.72
CA CYS A 16 2.78 -6.39 -6.16
C CYS A 16 1.29 -6.33 -6.50
N GLY A 17 0.58 -5.40 -5.87
CA GLY A 17 -0.85 -5.26 -6.12
C GLY A 17 -1.68 -6.11 -5.18
N LYS A 18 -1.81 -5.66 -3.94
CA LYS A 18 -2.59 -6.39 -2.94
C LYS A 18 -3.22 -5.42 -1.94
N SER A 19 -4.53 -5.55 -1.76
CA SER A 19 -5.26 -4.69 -0.83
C SER A 19 -5.24 -5.27 0.58
N PHE A 20 -5.36 -4.39 1.57
CA PHE A 20 -5.35 -4.82 2.97
C PHE A 20 -6.45 -4.10 3.76
N ARG A 21 -6.96 -4.78 4.78
CA ARG A 21 -8.02 -4.22 5.61
C ARG A 21 -7.47 -3.11 6.51
N GLN A 22 -6.42 -3.42 7.26
CA GLN A 22 -5.81 -2.44 8.16
C GLN A 22 -4.59 -1.80 7.51
N LYS A 23 -4.21 -0.63 8.01
CA LYS A 23 -3.06 0.09 7.48
C LYS A 23 -1.76 -0.64 7.81
N GLY A 24 -1.58 -0.99 9.08
CA GLY A 24 -0.38 -1.69 9.50
C GLY A 24 -0.15 -2.95 8.71
N SER A 25 -1.23 -3.57 8.24
CA SER A 25 -1.13 -4.80 7.47
C SER A 25 -0.24 -4.61 6.24
N LEU A 26 -0.44 -3.50 5.55
CA LEU A 26 0.35 -3.19 4.36
C LEU A 26 1.76 -2.73 4.73
N THR A 27 1.87 -2.03 5.85
CA THR A 27 3.15 -1.53 6.32
C THR A 27 4.14 -2.68 6.52
N LEU A 28 3.69 -3.73 7.18
CA LEU A 28 4.53 -4.89 7.43
C LEU A 28 4.74 -5.70 6.16
N HIS A 29 3.79 -5.61 5.24
CA HIS A 29 3.88 -6.33 3.97
C HIS A 29 4.99 -5.75 3.10
N GLU A 30 5.32 -4.49 3.32
CA GLU A 30 6.37 -3.82 2.55
C GLU A 30 7.74 -4.41 2.88
N ARG A 31 7.80 -5.20 3.95
CA ARG A 31 9.05 -5.83 4.37
C ARG A 31 9.72 -6.55 3.20
N ILE A 32 8.99 -7.50 2.62
CA ILE A 32 9.52 -8.27 1.50
C ILE A 32 9.90 -7.36 0.34
N HIS A 33 9.25 -6.20 0.26
CA HIS A 33 9.53 -5.24 -0.80
C HIS A 33 10.69 -4.32 -0.41
N THR A 34 11.89 -4.87 -0.37
CA THR A 34 13.07 -4.10 -0.01
C THR A 34 13.47 -3.15 -1.13
N GLY A 35 13.42 -3.64 -2.37
CA GLY A 35 13.78 -2.82 -3.51
C GLY A 35 12.81 -1.68 -3.73
N SER A 36 13.34 -0.51 -4.08
CA SER A 36 12.50 0.66 -4.32
C SER A 36 12.79 1.26 -5.69
N GLY A 37 11.88 2.10 -6.17
CA GLY A 37 12.05 2.73 -7.46
C GLY A 37 12.02 1.72 -8.61
N PRO A 38 12.13 2.22 -9.84
CA PRO A 38 12.12 1.39 -11.05
C PRO A 38 13.37 0.53 -11.17
N SER A 39 13.18 -0.72 -11.58
CA SER A 39 14.29 -1.66 -11.74
C SER A 39 15.16 -1.28 -12.94
N SER A 40 16.47 -1.29 -12.73
CA SER A 40 17.41 -0.94 -13.79
C SER A 40 17.18 0.48 -14.28
N GLY A 41 16.70 1.34 -13.38
CA GLY A 41 16.45 2.72 -13.73
C GLY A 41 16.56 3.66 -12.55
N GLY A 1 -27.21 12.74 -8.11
CA GLY A 1 -25.99 13.41 -8.50
C GLY A 1 -25.15 12.60 -9.47
N SER A 2 -24.75 13.22 -10.57
CA SER A 2 -23.94 12.55 -11.58
C SER A 2 -22.46 12.90 -11.43
N SER A 3 -21.92 12.65 -10.24
CA SER A 3 -20.52 12.94 -9.97
C SER A 3 -19.62 11.87 -10.57
N GLY A 4 -18.31 11.99 -10.32
CA GLY A 4 -17.36 11.04 -10.84
C GLY A 4 -16.33 10.61 -9.81
N SER A 5 -16.70 9.63 -8.99
CA SER A 5 -15.81 9.14 -7.95
C SER A 5 -15.54 7.65 -8.14
N SER A 6 -14.30 7.23 -7.87
CA SER A 6 -13.91 5.84 -8.01
C SER A 6 -14.63 4.96 -7.00
N GLY A 7 -14.33 5.17 -5.71
CA GLY A 7 -14.97 4.39 -4.67
C GLY A 7 -14.48 4.78 -3.28
N GLN A 8 -13.62 3.95 -2.72
CA GLN A 8 -13.08 4.20 -1.38
C GLN A 8 -11.57 4.01 -1.37
N ARG A 9 -10.89 4.80 -0.54
CA ARG A 9 -9.43 4.72 -0.42
C ARG A 9 -9.02 3.56 0.47
N VAL A 10 -8.17 2.68 -0.04
CA VAL A 10 -7.71 1.53 0.72
C VAL A 10 -6.19 1.37 0.59
N TYR A 11 -5.56 0.84 1.64
CA TYR A 11 -4.13 0.63 1.65
C TYR A 11 -3.74 -0.54 0.76
N GLU A 12 -3.62 -0.29 -0.55
CA GLU A 12 -3.25 -1.32 -1.50
C GLU A 12 -1.78 -1.21 -1.90
N CYS A 13 -1.07 -2.32 -1.88
CA CYS A 13 0.33 -2.35 -2.24
C CYS A 13 0.54 -1.80 -3.65
N GLN A 14 1.45 -0.84 -3.78
CA GLN A 14 1.74 -0.23 -5.08
C GLN A 14 3.00 -0.84 -5.69
N GLU A 15 3.30 -2.07 -5.31
CA GLU A 15 4.48 -2.76 -5.83
C GLU A 15 4.09 -4.09 -6.49
N CYS A 16 3.25 -4.85 -5.80
CA CYS A 16 2.80 -6.14 -6.31
C CYS A 16 1.29 -6.14 -6.55
N GLY A 17 0.59 -5.28 -5.82
CA GLY A 17 -0.86 -5.20 -5.97
C GLY A 17 -1.59 -6.10 -5.00
N LYS A 18 -1.88 -5.59 -3.81
CA LYS A 18 -2.58 -6.36 -2.79
C LYS A 18 -3.27 -5.43 -1.80
N SER A 19 -4.58 -5.60 -1.63
CA SER A 19 -5.36 -4.79 -0.71
C SER A 19 -5.32 -5.36 0.70
N PHE A 20 -5.44 -4.49 1.69
CA PHE A 20 -5.41 -4.91 3.08
C PHE A 20 -6.51 -4.22 3.88
N ARG A 21 -7.00 -4.91 4.92
CA ARG A 21 -8.07 -4.36 5.76
C ARG A 21 -7.52 -3.26 6.66
N GLN A 22 -6.45 -3.55 7.39
CA GLN A 22 -5.85 -2.58 8.29
C GLN A 22 -4.69 -1.86 7.61
N LYS A 23 -4.27 -0.74 8.19
CA LYS A 23 -3.17 0.04 7.64
C LYS A 23 -1.83 -0.65 7.90
N GLY A 24 -1.59 -1.00 9.16
CA GLY A 24 -0.35 -1.66 9.52
C GLY A 24 -0.12 -2.93 8.72
N SER A 25 -1.21 -3.54 8.25
CA SER A 25 -1.13 -4.77 7.48
C SER A 25 -0.30 -4.57 6.22
N LEU A 26 -0.43 -3.39 5.61
CA LEU A 26 0.32 -3.07 4.40
C LEU A 26 1.76 -2.69 4.72
N THR A 27 1.93 -1.95 5.82
CA THR A 27 3.26 -1.52 6.25
C THR A 27 4.20 -2.72 6.41
N LEU A 28 3.74 -3.72 7.14
CA LEU A 28 4.54 -4.92 7.37
C LEU A 28 4.74 -5.70 6.08
N HIS A 29 3.78 -5.58 5.17
CA HIS A 29 3.85 -6.27 3.88
C HIS A 29 4.98 -5.71 3.02
N GLU A 30 5.35 -4.46 3.29
CA GLU A 30 6.41 -3.81 2.52
C GLU A 30 7.77 -4.44 2.85
N ARG A 31 7.80 -5.25 3.89
CA ARG A 31 9.03 -5.91 4.30
C ARG A 31 9.69 -6.64 3.13
N ILE A 32 8.94 -7.56 2.52
CA ILE A 32 9.44 -8.32 1.38
C ILE A 32 9.86 -7.39 0.25
N HIS A 33 9.26 -6.20 0.21
CA HIS A 33 9.58 -5.22 -0.83
C HIS A 33 10.73 -4.33 -0.40
N THR A 34 11.95 -4.86 -0.47
CA THR A 34 13.14 -4.11 -0.09
C THR A 34 14.15 -4.07 -1.23
N GLY A 35 14.92 -2.99 -1.29
CA GLY A 35 15.92 -2.84 -2.33
C GLY A 35 16.54 -1.45 -2.36
N SER A 36 16.46 -0.80 -3.51
CA SER A 36 17.01 0.54 -3.66
C SER A 36 16.06 1.44 -4.44
N GLY A 37 16.49 2.67 -4.71
CA GLY A 37 15.65 3.61 -5.44
C GLY A 37 16.29 4.99 -5.53
N PRO A 38 15.48 5.98 -5.95
CA PRO A 38 15.95 7.36 -6.09
C PRO A 38 16.23 8.02 -4.74
N SER A 39 15.58 7.51 -3.70
CA SER A 39 15.76 8.06 -2.35
C SER A 39 17.19 7.86 -1.87
N SER A 40 17.60 8.66 -0.90
CA SER A 40 18.95 8.58 -0.35
C SER A 40 19.18 7.21 0.28
N GLY A 41 20.32 6.60 -0.05
CA GLY A 41 20.66 5.29 0.48
C GLY A 41 20.36 4.18 -0.49
N GLY A 1 -21.03 1.04 -20.86
CA GLY A 1 -19.99 1.98 -20.46
C GLY A 1 -19.30 1.56 -19.17
N SER A 2 -18.92 2.55 -18.36
CA SER A 2 -18.25 2.27 -17.10
C SER A 2 -18.68 3.28 -16.03
N SER A 3 -18.70 2.83 -14.78
CA SER A 3 -19.10 3.69 -13.67
C SER A 3 -18.16 3.50 -12.48
N GLY A 4 -18.41 4.26 -11.41
CA GLY A 4 -17.58 4.17 -10.23
C GLY A 4 -17.58 5.44 -9.41
N SER A 5 -17.09 5.35 -8.18
CA SER A 5 -17.05 6.50 -7.29
C SER A 5 -15.79 6.49 -6.43
N SER A 6 -15.17 7.66 -6.27
CA SER A 6 -13.95 7.77 -5.48
C SER A 6 -14.25 8.38 -4.11
N GLY A 7 -15.02 7.64 -3.31
CA GLY A 7 -15.36 8.11 -1.98
C GLY A 7 -14.63 7.36 -0.89
N GLN A 8 -14.27 6.11 -1.18
CA GLN A 8 -13.56 5.28 -0.21
C GLN A 8 -12.11 5.06 -0.64
N ARG A 9 -11.25 4.79 0.34
CA ARG A 9 -9.83 4.55 0.05
C ARG A 9 -9.30 3.37 0.86
N VAL A 10 -8.49 2.54 0.22
CA VAL A 10 -7.92 1.37 0.88
C VAL A 10 -6.42 1.30 0.67
N TYR A 11 -5.71 0.73 1.64
CA TYR A 11 -4.26 0.61 1.56
C TYR A 11 -3.86 -0.53 0.63
N GLU A 12 -3.89 -0.27 -0.67
CA GLU A 12 -3.53 -1.27 -1.66
C GLU A 12 -2.05 -1.17 -2.03
N CYS A 13 -1.35 -2.30 -1.94
CA CYS A 13 0.07 -2.34 -2.25
C CYS A 13 0.33 -1.80 -3.66
N GLN A 14 1.25 -0.85 -3.76
CA GLN A 14 1.60 -0.26 -5.05
C GLN A 14 2.90 -0.84 -5.59
N GLU A 15 3.18 -2.09 -5.23
CA GLU A 15 4.39 -2.76 -5.68
C GLU A 15 4.06 -4.09 -6.36
N CYS A 16 3.23 -4.88 -5.71
CA CYS A 16 2.83 -6.18 -6.25
C CYS A 16 1.33 -6.21 -6.53
N GLY A 17 0.58 -5.39 -5.81
CA GLY A 17 -0.86 -5.34 -6.00
C GLY A 17 -1.61 -6.23 -5.01
N LYS A 18 -1.89 -5.68 -3.83
CA LYS A 18 -2.61 -6.44 -2.81
C LYS A 18 -3.31 -5.50 -1.83
N SER A 19 -4.62 -5.65 -1.70
CA SER A 19 -5.42 -4.82 -0.82
C SER A 19 -5.24 -5.26 0.64
N PHE A 20 -5.29 -4.27 1.54
CA PHE A 20 -5.13 -4.55 2.96
C PHE A 20 -6.17 -3.78 3.79
N ARG A 21 -7.06 -4.51 4.43
CA ARG A 21 -8.10 -3.89 5.25
C ARG A 21 -7.49 -3.04 6.35
N GLN A 22 -6.31 -3.44 6.81
CA GLN A 22 -5.62 -2.71 7.88
C GLN A 22 -4.44 -1.92 7.31
N LYS A 23 -4.11 -0.81 7.97
CA LYS A 23 -3.01 0.03 7.54
C LYS A 23 -1.66 -0.64 7.80
N GLY A 24 -1.41 -0.95 9.08
CA GLY A 24 -0.16 -1.59 9.44
C GLY A 24 0.12 -2.84 8.62
N SER A 25 -0.95 -3.53 8.23
CA SER A 25 -0.82 -4.75 7.44
C SER A 25 0.00 -4.50 6.18
N LEU A 26 -0.24 -3.36 5.55
CA LEU A 26 0.47 -3.00 4.33
C LEU A 26 1.92 -2.60 4.64
N THR A 27 2.11 -1.94 5.78
CA THR A 27 3.44 -1.52 6.19
C THR A 27 4.39 -2.70 6.31
N LEU A 28 4.00 -3.69 7.09
CA LEU A 28 4.82 -4.89 7.29
C LEU A 28 4.93 -5.68 5.99
N HIS A 29 3.93 -5.56 5.13
CA HIS A 29 3.93 -6.25 3.86
C HIS A 29 5.03 -5.73 2.94
N GLU A 30 5.44 -4.49 3.17
CA GLU A 30 6.48 -3.87 2.36
C GLU A 30 7.84 -4.49 2.66
N ARG A 31 7.91 -5.26 3.74
CA ARG A 31 9.15 -5.91 4.14
C ARG A 31 9.76 -6.67 2.98
N ILE A 32 9.01 -7.62 2.42
CA ILE A 32 9.47 -8.42 1.31
C ILE A 32 9.95 -7.54 0.16
N HIS A 33 9.33 -6.37 0.03
CA HIS A 33 9.68 -5.42 -1.03
C HIS A 33 10.97 -4.67 -0.67
N THR A 34 11.22 -4.50 0.61
CA THR A 34 12.40 -3.80 1.08
C THR A 34 13.66 -4.66 0.91
N GLY A 35 14.55 -4.24 0.02
CA GLY A 35 15.77 -4.98 -0.21
C GLY A 35 15.55 -6.21 -1.07
N SER A 36 16.51 -6.50 -1.95
CA SER A 36 16.41 -7.66 -2.83
C SER A 36 17.52 -8.66 -2.54
N GLY A 37 17.53 -9.76 -3.30
CA GLY A 37 18.54 -10.78 -3.10
C GLY A 37 18.10 -11.84 -2.10
N PRO A 38 18.86 -12.94 -2.04
CA PRO A 38 18.57 -14.05 -1.13
C PRO A 38 18.82 -13.67 0.34
N SER A 39 17.85 -13.99 1.19
CA SER A 39 17.96 -13.68 2.61
C SER A 39 19.25 -14.26 3.20
N SER A 40 19.45 -15.56 3.00
CA SER A 40 20.64 -16.24 3.51
C SER A 40 20.93 -17.49 2.69
N GLY A 41 22.16 -17.98 2.80
CA GLY A 41 22.56 -19.17 2.07
C GLY A 41 21.96 -20.44 2.66
N GLY A 1 -16.83 7.12 -16.63
CA GLY A 1 -16.42 6.80 -15.28
C GLY A 1 -15.24 5.85 -15.24
N SER A 2 -14.05 6.40 -15.02
CA SER A 2 -12.84 5.60 -14.97
C SER A 2 -12.35 5.45 -13.53
N SER A 3 -12.39 6.55 -12.78
CA SER A 3 -11.95 6.53 -11.39
C SER A 3 -13.11 6.82 -10.45
N GLY A 4 -14.25 6.19 -10.71
CA GLY A 4 -15.42 6.39 -9.88
C GLY A 4 -15.33 5.65 -8.56
N SER A 5 -14.65 6.25 -7.58
CA SER A 5 -14.50 5.64 -6.27
C SER A 5 -15.31 6.38 -5.22
N SER A 6 -16.26 5.68 -4.61
CA SER A 6 -17.12 6.26 -3.59
C SER A 6 -16.84 5.65 -2.22
N GLY A 7 -16.23 6.44 -1.35
CA GLY A 7 -15.91 5.95 -0.01
C GLY A 7 -14.51 6.35 0.43
N GLN A 8 -13.86 5.48 1.19
CA GLN A 8 -12.53 5.74 1.69
C GLN A 8 -11.48 4.97 0.88
N ARG A 9 -10.25 5.48 0.88
CA ARG A 9 -9.17 4.84 0.14
C ARG A 9 -8.62 3.65 0.91
N VAL A 10 -8.36 2.55 0.20
CA VAL A 10 -7.84 1.35 0.82
C VAL A 10 -6.33 1.23 0.60
N TYR A 11 -5.62 0.73 1.61
CA TYR A 11 -4.18 0.57 1.52
C TYR A 11 -3.81 -0.57 0.58
N GLU A 12 -3.74 -0.26 -0.71
CA GLU A 12 -3.39 -1.26 -1.72
C GLU A 12 -1.93 -1.15 -2.11
N CYS A 13 -1.19 -2.24 -1.96
CA CYS A 13 0.22 -2.28 -2.30
C CYS A 13 0.46 -1.78 -3.72
N GLN A 14 1.44 -0.90 -3.88
CA GLN A 14 1.76 -0.34 -5.20
C GLN A 14 3.05 -0.95 -5.74
N GLU A 15 3.25 -2.24 -5.47
CA GLU A 15 4.43 -2.94 -5.94
C GLU A 15 4.06 -4.30 -6.52
N CYS A 16 3.20 -5.03 -5.82
CA CYS A 16 2.76 -6.34 -6.27
C CYS A 16 1.26 -6.36 -6.55
N GLY A 17 0.52 -5.49 -5.85
CA GLY A 17 -0.91 -5.42 -6.05
C GLY A 17 -1.68 -6.29 -5.07
N LYS A 18 -1.92 -5.77 -3.88
CA LYS A 18 -2.65 -6.50 -2.85
C LYS A 18 -3.35 -5.55 -1.90
N SER A 19 -4.66 -5.73 -1.75
CA SER A 19 -5.45 -4.88 -0.86
C SER A 19 -5.33 -5.34 0.59
N PHE A 20 -5.39 -4.40 1.52
CA PHE A 20 -5.29 -4.71 2.94
C PHE A 20 -6.38 -3.99 3.73
N ARG A 21 -7.12 -4.76 4.52
CA ARG A 21 -8.20 -4.20 5.34
C ARG A 21 -7.65 -3.22 6.37
N GLN A 22 -6.49 -3.54 6.92
CA GLN A 22 -5.85 -2.69 7.92
C GLN A 22 -4.68 -1.92 7.32
N LYS A 23 -4.31 -0.81 7.96
CA LYS A 23 -3.21 0.01 7.49
C LYS A 23 -1.86 -0.64 7.83
N GLY A 24 -1.67 -0.95 9.10
CA GLY A 24 -0.43 -1.57 9.53
C GLY A 24 -0.11 -2.82 8.75
N SER A 25 -1.15 -3.54 8.31
CA SER A 25 -0.97 -4.76 7.56
C SER A 25 -0.07 -4.53 6.35
N LEU A 26 -0.33 -3.46 5.61
CA LEU A 26 0.45 -3.12 4.43
C LEU A 26 1.88 -2.72 4.83
N THR A 27 2.00 -2.00 5.94
CA THR A 27 3.30 -1.55 6.42
C THR A 27 4.27 -2.71 6.56
N LEU A 28 3.84 -3.75 7.28
CA LEU A 28 4.66 -4.93 7.49
C LEU A 28 4.85 -5.71 6.19
N HIS A 29 3.88 -5.58 5.28
CA HIS A 29 3.94 -6.27 4.00
C HIS A 29 5.05 -5.69 3.12
N GLU A 30 5.42 -4.43 3.39
CA GLU A 30 6.46 -3.77 2.63
C GLU A 30 7.83 -4.38 2.93
N ARG A 31 7.89 -5.20 3.96
CA ARG A 31 9.13 -5.86 4.35
C ARG A 31 9.77 -6.57 3.16
N ILE A 32 9.03 -7.49 2.56
CA ILE A 32 9.52 -8.23 1.41
C ILE A 32 9.91 -7.30 0.28
N HIS A 33 9.24 -6.15 0.20
CA HIS A 33 9.52 -5.17 -0.84
C HIS A 33 10.69 -4.28 -0.44
N THR A 34 11.85 -4.90 -0.21
CA THR A 34 13.05 -4.17 0.18
C THR A 34 13.47 -3.19 -0.92
N GLY A 35 13.46 -3.67 -2.17
CA GLY A 35 13.85 -2.83 -3.29
C GLY A 35 12.68 -2.49 -4.19
N SER A 36 12.50 -1.21 -4.49
CA SER A 36 11.42 -0.78 -5.36
C SER A 36 11.95 0.09 -6.50
N GLY A 37 12.63 -0.54 -7.44
CA GLY A 37 13.18 0.19 -8.58
C GLY A 37 12.10 0.75 -9.48
N PRO A 38 12.52 1.40 -10.58
CA PRO A 38 11.60 1.99 -11.55
C PRO A 38 10.81 0.96 -12.32
N SER A 39 9.53 0.82 -12.00
CA SER A 39 8.67 -0.15 -12.67
C SER A 39 7.90 0.51 -13.81
N SER A 40 7.15 1.56 -13.49
CA SER A 40 6.36 2.27 -14.49
C SER A 40 6.95 3.66 -14.75
N GLY A 41 6.89 4.52 -13.73
CA GLY A 41 7.41 5.86 -13.86
C GLY A 41 8.90 5.88 -14.17
N GLY A 1 -20.87 13.47 -15.23
CA GLY A 1 -19.68 14.11 -14.70
C GLY A 1 -19.44 13.76 -13.24
N SER A 2 -19.62 12.49 -12.90
CA SER A 2 -19.43 12.02 -11.54
C SER A 2 -18.24 11.08 -11.44
N SER A 3 -17.48 11.19 -10.36
CA SER A 3 -16.30 10.35 -10.16
C SER A 3 -16.60 9.25 -9.13
N GLY A 4 -16.86 9.66 -7.90
CA GLY A 4 -17.15 8.71 -6.85
C GLY A 4 -17.01 9.30 -5.46
N SER A 5 -17.28 8.49 -4.44
CA SER A 5 -17.18 8.95 -3.06
C SER A 5 -15.75 8.85 -2.55
N SER A 6 -14.97 9.90 -2.78
CA SER A 6 -13.58 9.93 -2.35
C SER A 6 -13.48 10.16 -0.84
N GLY A 7 -12.30 9.90 -0.29
CA GLY A 7 -12.09 10.08 1.14
C GLY A 7 -11.16 9.04 1.73
N GLN A 8 -11.73 7.95 2.23
CA GLN A 8 -10.94 6.89 2.83
C GLN A 8 -10.66 5.78 1.81
N ARG A 9 -9.49 5.84 1.19
CA ARG A 9 -9.09 4.85 0.20
C ARG A 9 -8.47 3.63 0.87
N VAL A 10 -8.74 2.44 0.31
CA VAL A 10 -8.20 1.21 0.84
C VAL A 10 -6.69 1.13 0.66
N TYR A 11 -5.99 0.71 1.71
CA TYR A 11 -4.54 0.59 1.66
C TYR A 11 -4.11 -0.55 0.73
N GLU A 12 -3.75 -0.20 -0.49
CA GLU A 12 -3.32 -1.18 -1.48
C GLU A 12 -1.81 -1.12 -1.69
N CYS A 13 -1.24 -2.23 -2.16
CA CYS A 13 0.20 -2.31 -2.41
C CYS A 13 0.54 -1.78 -3.79
N GLN A 14 1.63 -1.01 -3.87
CA GLN A 14 2.06 -0.44 -5.14
C GLN A 14 3.33 -1.13 -5.63
N GLU A 15 3.49 -2.39 -5.27
CA GLU A 15 4.65 -3.17 -5.68
C GLU A 15 4.23 -4.48 -6.34
N CYS A 16 3.32 -5.19 -5.70
CA CYS A 16 2.83 -6.47 -6.22
C CYS A 16 1.35 -6.38 -6.59
N GLY A 17 0.64 -5.48 -5.92
CA GLY A 17 -0.78 -5.31 -6.19
C GLY A 17 -1.64 -6.17 -5.29
N LYS A 18 -1.84 -5.73 -4.06
CA LYS A 18 -2.66 -6.47 -3.10
C LYS A 18 -3.33 -5.52 -2.11
N SER A 19 -4.63 -5.72 -1.89
CA SER A 19 -5.39 -4.89 -0.97
C SER A 19 -5.34 -5.46 0.44
N PHE A 20 -5.62 -4.61 1.43
CA PHE A 20 -5.61 -5.04 2.83
C PHE A 20 -6.79 -4.43 3.58
N ARG A 21 -6.90 -4.75 4.86
CA ARG A 21 -7.96 -4.24 5.70
C ARG A 21 -7.43 -3.25 6.73
N GLN A 22 -6.23 -3.53 7.24
CA GLN A 22 -5.60 -2.67 8.24
C GLN A 22 -4.49 -1.84 7.62
N LYS A 23 -4.18 -0.71 8.24
CA LYS A 23 -3.14 0.18 7.74
C LYS A 23 -1.76 -0.42 7.99
N GLY A 24 -1.59 -1.09 9.12
CA GLY A 24 -0.33 -1.71 9.45
C GLY A 24 -0.04 -2.93 8.60
N SER A 25 -1.10 -3.64 8.21
CA SER A 25 -0.95 -4.85 7.39
C SER A 25 -0.12 -4.55 6.14
N LEU A 26 -0.47 -3.47 5.46
CA LEU A 26 0.24 -3.08 4.24
C LEU A 26 1.65 -2.62 4.55
N THR A 27 1.81 -1.90 5.67
CA THR A 27 3.11 -1.41 6.08
C THR A 27 4.11 -2.55 6.24
N LEU A 28 3.73 -3.53 7.06
CA LEU A 28 4.60 -4.69 7.32
C LEU A 28 4.79 -5.50 6.04
N HIS A 29 3.81 -5.45 5.15
CA HIS A 29 3.87 -6.18 3.90
C HIS A 29 4.97 -5.62 2.99
N GLU A 30 5.30 -4.35 3.20
CA GLU A 30 6.33 -3.69 2.41
C GLU A 30 7.71 -4.26 2.73
N ARG A 31 7.79 -5.04 3.79
CA ARG A 31 9.06 -5.65 4.21
C ARG A 31 9.70 -6.40 3.04
N ILE A 32 8.98 -7.36 2.47
CA ILE A 32 9.48 -8.14 1.36
C ILE A 32 9.86 -7.24 0.19
N HIS A 33 9.22 -6.08 0.11
CA HIS A 33 9.48 -5.12 -0.95
C HIS A 33 10.58 -4.14 -0.55
N THR A 34 11.71 -4.68 -0.10
CA THR A 34 12.83 -3.85 0.32
C THR A 34 14.14 -4.64 0.28
N GLY A 35 15.25 -3.93 0.12
CA GLY A 35 16.54 -4.57 0.08
C GLY A 35 17.51 -3.88 -0.88
N SER A 36 17.56 -4.37 -2.11
CA SER A 36 18.45 -3.78 -3.11
C SER A 36 17.91 -2.45 -3.62
N GLY A 37 18.33 -1.36 -2.99
CA GLY A 37 17.88 -0.05 -3.39
C GLY A 37 16.55 0.32 -2.76
N PRO A 38 16.57 0.58 -1.44
CA PRO A 38 15.36 0.95 -0.70
C PRO A 38 14.86 2.34 -1.06
N SER A 39 13.86 2.81 -0.32
CA SER A 39 13.27 4.12 -0.58
C SER A 39 14.11 5.22 0.07
N SER A 40 14.44 6.25 -0.71
CA SER A 40 15.24 7.36 -0.20
C SER A 40 14.63 8.70 -0.59
N GLY A 41 15.01 9.75 0.12
CA GLY A 41 14.48 11.08 -0.15
C GLY A 41 13.56 11.57 0.94
N GLY A 1 -13.30 19.37 -4.85
CA GLY A 1 -14.36 20.28 -5.25
C GLY A 1 -15.26 19.70 -6.32
N SER A 2 -14.74 18.70 -7.02
CA SER A 2 -15.50 18.04 -8.10
C SER A 2 -16.29 16.85 -7.56
N SER A 3 -17.31 16.45 -8.31
CA SER A 3 -18.14 15.32 -7.91
C SER A 3 -17.71 14.05 -8.62
N GLY A 4 -17.97 12.91 -7.99
CA GLY A 4 -17.60 11.63 -8.58
C GLY A 4 -17.26 10.59 -7.53
N SER A 5 -15.97 10.45 -7.24
CA SER A 5 -15.51 9.48 -6.25
C SER A 5 -14.88 10.18 -5.06
N SER A 6 -15.52 10.07 -3.90
CA SER A 6 -15.03 10.69 -2.68
C SER A 6 -15.50 9.93 -1.45
N GLY A 7 -14.69 9.97 -0.39
CA GLY A 7 -15.03 9.27 0.83
C GLY A 7 -13.81 8.74 1.56
N GLN A 8 -13.32 7.59 1.13
CA GLN A 8 -12.16 6.98 1.74
C GLN A 8 -11.37 6.15 0.72
N ARG A 9 -10.26 5.58 1.17
CA ARG A 9 -9.42 4.76 0.30
C ARG A 9 -8.97 3.49 1.01
N VAL A 10 -8.41 2.56 0.24
CA VAL A 10 -7.94 1.29 0.80
C VAL A 10 -6.43 1.14 0.61
N TYR A 11 -5.74 0.74 1.68
CA TYR A 11 -4.30 0.55 1.64
C TYR A 11 -3.93 -0.61 0.72
N GLU A 12 -3.60 -0.28 -0.53
CA GLU A 12 -3.23 -1.30 -1.51
C GLU A 12 -1.74 -1.19 -1.86
N CYS A 13 -1.11 -2.34 -2.04
CA CYS A 13 0.31 -2.38 -2.39
C CYS A 13 0.54 -1.92 -3.82
N GLN A 14 1.47 -0.98 -3.99
CA GLN A 14 1.79 -0.43 -5.30
C GLN A 14 3.06 -1.06 -5.85
N GLU A 15 3.29 -2.33 -5.51
CA GLU A 15 4.48 -3.03 -5.97
C GLU A 15 4.11 -4.40 -6.56
N CYS A 16 3.29 -5.15 -5.83
CA CYS A 16 2.86 -6.47 -6.28
C CYS A 16 1.36 -6.49 -6.53
N GLY A 17 0.63 -5.62 -5.84
CA GLY A 17 -0.81 -5.56 -5.99
C GLY A 17 -1.54 -6.38 -4.95
N LYS A 18 -1.82 -5.77 -3.80
CA LYS A 18 -2.52 -6.45 -2.72
C LYS A 18 -3.25 -5.45 -1.83
N SER A 19 -4.55 -5.68 -1.64
CA SER A 19 -5.37 -4.79 -0.83
C SER A 19 -5.35 -5.24 0.64
N PHE A 20 -5.22 -4.28 1.54
CA PHE A 20 -5.18 -4.56 2.97
C PHE A 20 -6.19 -3.71 3.73
N ARG A 21 -7.22 -4.35 4.26
CA ARG A 21 -8.26 -3.64 5.00
C ARG A 21 -7.65 -2.79 6.11
N GLN A 22 -6.57 -3.29 6.71
CA GLN A 22 -5.89 -2.57 7.79
C GLN A 22 -4.71 -1.78 7.25
N LYS A 23 -4.25 -0.80 8.02
CA LYS A 23 -3.12 0.02 7.62
C LYS A 23 -1.80 -0.68 7.92
N GLY A 24 -1.57 -1.01 9.18
CA GLY A 24 -0.35 -1.67 9.57
C GLY A 24 -0.10 -2.94 8.76
N SER A 25 -1.19 -3.62 8.38
CA SER A 25 -1.09 -4.85 7.61
C SER A 25 -0.21 -4.64 6.37
N LEU A 26 -0.44 -3.54 5.67
CA LEU A 26 0.32 -3.22 4.47
C LEU A 26 1.74 -2.81 4.82
N THR A 27 1.90 -2.11 5.94
CA THR A 27 3.21 -1.66 6.39
C THR A 27 4.18 -2.82 6.52
N LEU A 28 3.75 -3.86 7.24
CA LEU A 28 4.58 -5.05 7.45
C LEU A 28 4.79 -5.79 6.13
N HIS A 29 3.83 -5.66 5.23
CA HIS A 29 3.91 -6.34 3.93
C HIS A 29 5.04 -5.74 3.08
N GLU A 30 5.39 -4.50 3.38
CA GLU A 30 6.46 -3.82 2.64
C GLU A 30 7.82 -4.44 2.94
N ARG A 31 7.86 -5.27 3.97
CA ARG A 31 9.10 -5.93 4.37
C ARG A 31 9.76 -6.63 3.19
N ILE A 32 9.02 -7.54 2.56
CA ILE A 32 9.53 -8.27 1.41
C ILE A 32 9.95 -7.32 0.29
N HIS A 33 9.28 -6.17 0.22
CA HIS A 33 9.58 -5.17 -0.79
C HIS A 33 10.70 -4.24 -0.33
N THR A 34 11.94 -4.63 -0.61
CA THR A 34 13.09 -3.83 -0.22
C THR A 34 13.13 -2.51 -0.98
N GLY A 35 13.76 -1.50 -0.38
CA GLY A 35 13.85 -0.20 -1.01
C GLY A 35 14.44 0.85 -0.09
N SER A 36 14.08 2.11 -0.32
CA SER A 36 14.59 3.21 0.48
C SER A 36 13.82 3.33 1.80
N GLY A 37 13.96 2.32 2.65
CA GLY A 37 13.26 2.33 3.93
C GLY A 37 14.09 2.98 5.02
N PRO A 38 13.50 3.09 6.22
CA PRO A 38 14.16 3.70 7.38
C PRO A 38 15.30 2.84 7.91
N SER A 39 16.42 3.48 8.24
CA SER A 39 17.59 2.77 8.75
C SER A 39 17.54 2.70 10.27
N SER A 40 17.39 3.86 10.92
CA SER A 40 17.35 3.93 12.37
C SER A 40 15.92 3.76 12.87
N GLY A 41 15.75 2.88 13.85
CA GLY A 41 14.43 2.64 14.41
C GLY A 41 14.45 2.48 15.91
N GLY A 1 -19.79 23.58 -3.95
CA GLY A 1 -19.88 22.79 -2.74
C GLY A 1 -19.75 21.30 -3.01
N SER A 2 -20.87 20.57 -2.90
CA SER A 2 -20.86 19.13 -3.13
C SER A 2 -19.82 18.45 -2.27
N SER A 3 -19.63 18.96 -1.05
CA SER A 3 -18.65 18.40 -0.12
C SER A 3 -19.02 16.96 0.25
N GLY A 4 -18.01 16.18 0.62
CA GLY A 4 -18.26 14.79 1.00
C GLY A 4 -17.29 13.83 0.33
N SER A 5 -16.98 12.74 1.02
CA SER A 5 -16.06 11.75 0.50
C SER A 5 -16.79 10.72 -0.37
N SER A 6 -16.55 10.78 -1.68
CA SER A 6 -17.19 9.87 -2.62
C SER A 6 -16.23 8.76 -3.03
N GLY A 7 -15.48 8.24 -2.06
CA GLY A 7 -14.53 7.18 -2.35
C GLY A 7 -13.79 6.71 -1.11
N GLN A 8 -13.74 5.40 -0.91
CA GLN A 8 -13.05 4.83 0.25
C GLN A 8 -11.68 4.31 -0.14
N ARG A 9 -10.66 5.16 -0.01
CA ARG A 9 -9.30 4.79 -0.35
C ARG A 9 -8.81 3.65 0.54
N VAL A 10 -8.37 2.56 -0.09
CA VAL A 10 -7.88 1.41 0.65
C VAL A 10 -6.36 1.27 0.52
N TYR A 11 -5.72 0.78 1.57
CA TYR A 11 -4.28 0.60 1.58
C TYR A 11 -3.86 -0.56 0.67
N GLU A 12 -3.73 -0.27 -0.62
CA GLU A 12 -3.34 -1.29 -1.59
C GLU A 12 -1.85 -1.19 -1.92
N CYS A 13 -1.17 -2.32 -1.93
CA CYS A 13 0.26 -2.35 -2.24
C CYS A 13 0.52 -1.83 -3.64
N GLN A 14 1.45 -0.89 -3.75
CA GLN A 14 1.80 -0.30 -5.03
C GLN A 14 3.08 -0.91 -5.59
N GLU A 15 3.27 -2.21 -5.32
CA GLU A 15 4.45 -2.91 -5.78
C GLU A 15 4.07 -4.25 -6.44
N CYS A 16 3.22 -5.01 -5.74
CA CYS A 16 2.77 -6.30 -6.25
C CYS A 16 1.26 -6.29 -6.51
N GLY A 17 0.55 -5.43 -5.79
CA GLY A 17 -0.89 -5.33 -5.97
C GLY A 17 -1.65 -6.21 -4.97
N LYS A 18 -1.87 -5.68 -3.77
CA LYS A 18 -2.59 -6.42 -2.74
C LYS A 18 -3.27 -5.46 -1.78
N SER A 19 -4.58 -5.64 -1.60
CA SER A 19 -5.36 -4.79 -0.70
C SER A 19 -5.20 -5.25 0.74
N PHE A 20 -5.38 -4.31 1.67
CA PHE A 20 -5.25 -4.61 3.10
C PHE A 20 -6.29 -3.83 3.90
N ARG A 21 -7.18 -4.57 4.56
CA ARG A 21 -8.23 -3.96 5.38
C ARG A 21 -7.63 -3.04 6.44
N GLN A 22 -6.49 -3.46 7.00
CA GLN A 22 -5.82 -2.67 8.02
C GLN A 22 -4.65 -1.89 7.43
N LYS A 23 -4.23 -0.85 8.12
CA LYS A 23 -3.12 -0.02 7.67
C LYS A 23 -1.78 -0.72 7.93
N GLY A 24 -1.52 -1.06 9.19
CA GLY A 24 -0.29 -1.72 9.55
C GLY A 24 -0.06 -2.98 8.73
N SER A 25 -1.14 -3.64 8.34
CA SER A 25 -1.05 -4.87 7.56
C SER A 25 -0.22 -4.65 6.30
N LEU A 26 -0.39 -3.49 5.68
CA LEU A 26 0.33 -3.15 4.47
C LEU A 26 1.77 -2.75 4.79
N THR A 27 1.95 -2.05 5.90
CA THR A 27 3.27 -1.60 6.32
C THR A 27 4.22 -2.78 6.46
N LEU A 28 3.80 -3.80 7.19
CA LEU A 28 4.63 -4.98 7.39
C LEU A 28 4.83 -5.74 6.09
N HIS A 29 3.84 -5.66 5.21
CA HIS A 29 3.91 -6.33 3.91
C HIS A 29 5.04 -5.75 3.06
N GLU A 30 5.40 -4.50 3.33
CA GLU A 30 6.46 -3.84 2.59
C GLU A 30 7.82 -4.46 2.89
N ARG A 31 7.86 -5.30 3.92
CA ARG A 31 9.09 -5.97 4.32
C ARG A 31 9.74 -6.67 3.13
N ILE A 32 9.00 -7.58 2.51
CA ILE A 32 9.50 -8.32 1.36
C ILE A 32 9.91 -7.38 0.23
N HIS A 33 9.30 -6.20 0.21
CA HIS A 33 9.60 -5.20 -0.82
C HIS A 33 10.76 -4.31 -0.38
N THR A 34 11.98 -4.80 -0.57
CA THR A 34 13.17 -4.05 -0.19
C THR A 34 13.33 -2.79 -1.05
N GLY A 35 13.69 -1.69 -0.42
CA GLY A 35 13.87 -0.44 -1.15
C GLY A 35 15.08 0.33 -0.68
N SER A 36 15.29 1.51 -1.25
CA SER A 36 16.43 2.35 -0.90
C SER A 36 15.95 3.66 -0.26
N GLY A 37 16.35 3.87 0.99
CA GLY A 37 15.96 5.08 1.70
C GLY A 37 17.09 5.66 2.51
N PRO A 38 16.76 6.63 3.38
CA PRO A 38 17.75 7.29 4.24
C PRO A 38 18.29 6.37 5.33
N SER A 39 19.42 6.74 5.91
CA SER A 39 20.03 5.94 6.97
C SER A 39 19.89 6.62 8.32
N SER A 40 20.09 7.94 8.34
CA SER A 40 19.99 8.70 9.58
C SER A 40 20.94 8.17 10.64
N GLY A 41 22.10 7.69 10.19
CA GLY A 41 23.08 7.16 11.11
C GLY A 41 24.49 7.64 10.80
N GLY A 1 -20.07 12.41 -16.08
CA GLY A 1 -19.20 12.32 -14.92
C GLY A 1 -19.33 11.00 -14.20
N SER A 2 -19.25 11.05 -12.87
CA SER A 2 -19.36 9.84 -12.06
C SER A 2 -20.12 10.12 -10.77
N SER A 3 -20.20 9.11 -9.91
CA SER A 3 -20.90 9.24 -8.63
C SER A 3 -19.93 9.21 -7.46
N GLY A 4 -20.19 10.03 -6.45
CA GLY A 4 -19.33 10.08 -5.29
C GLY A 4 -19.99 9.51 -4.05
N SER A 5 -19.35 8.53 -3.44
CA SER A 5 -19.89 7.89 -2.24
C SER A 5 -18.91 8.01 -1.08
N SER A 6 -19.45 8.13 0.13
CA SER A 6 -18.63 8.26 1.33
C SER A 6 -17.73 7.04 1.50
N GLY A 7 -16.52 7.25 2.02
CA GLY A 7 -15.59 6.16 2.23
C GLY A 7 -14.16 6.59 2.05
N GLN A 8 -13.25 5.91 2.75
CA GLN A 8 -11.83 6.23 2.67
C GLN A 8 -11.11 5.26 1.75
N ARG A 9 -10.00 5.71 1.16
CA ARG A 9 -9.22 4.88 0.25
C ARG A 9 -8.77 3.60 0.94
N VAL A 10 -8.35 2.62 0.15
CA VAL A 10 -7.89 1.35 0.68
C VAL A 10 -6.39 1.20 0.53
N TYR A 11 -5.73 0.74 1.59
CA TYR A 11 -4.28 0.56 1.57
C TYR A 11 -3.89 -0.60 0.66
N GLU A 12 -3.66 -0.31 -0.61
CA GLU A 12 -3.29 -1.33 -1.58
C GLU A 12 -1.81 -1.22 -1.94
N CYS A 13 -1.13 -2.35 -2.03
CA CYS A 13 0.28 -2.38 -2.38
C CYS A 13 0.51 -1.87 -3.80
N GLN A 14 1.44 -0.93 -3.95
CA GLN A 14 1.75 -0.36 -5.25
C GLN A 14 3.03 -0.97 -5.82
N GLU A 15 3.28 -2.22 -5.46
CA GLU A 15 4.47 -2.92 -5.94
C GLU A 15 4.11 -4.28 -6.54
N CYS A 16 3.26 -5.02 -5.83
CA CYS A 16 2.83 -6.33 -6.29
C CYS A 16 1.32 -6.35 -6.56
N GLY A 17 0.60 -5.48 -5.87
CA GLY A 17 -0.84 -5.41 -6.05
C GLY A 17 -1.59 -6.27 -5.06
N LYS A 18 -1.80 -5.75 -3.85
CA LYS A 18 -2.51 -6.49 -2.82
C LYS A 18 -3.19 -5.53 -1.84
N SER A 19 -4.52 -5.62 -1.75
CA SER A 19 -5.28 -4.76 -0.85
C SER A 19 -5.31 -5.34 0.56
N PHE A 20 -5.29 -4.45 1.55
CA PHE A 20 -5.32 -4.88 2.95
C PHE A 20 -6.42 -4.15 3.71
N ARG A 21 -6.99 -4.83 4.71
CA ARG A 21 -8.06 -4.25 5.51
C ARG A 21 -7.52 -3.15 6.42
N GLN A 22 -6.51 -3.48 7.22
CA GLN A 22 -5.91 -2.52 8.13
C GLN A 22 -4.72 -1.81 7.47
N LYS A 23 -4.30 -0.71 8.07
CA LYS A 23 -3.18 0.06 7.54
C LYS A 23 -1.85 -0.61 7.90
N GLY A 24 -1.74 -1.10 9.13
CA GLY A 24 -0.52 -1.75 9.57
C GLY A 24 -0.20 -2.97 8.72
N SER A 25 -1.22 -3.63 8.21
CA SER A 25 -1.03 -4.81 7.38
C SER A 25 -0.12 -4.52 6.20
N LEU A 26 -0.46 -3.47 5.46
CA LEU A 26 0.33 -3.07 4.29
C LEU A 26 1.73 -2.64 4.70
N THR A 27 1.83 -1.94 5.83
CA THR A 27 3.10 -1.47 6.33
C THR A 27 4.08 -2.63 6.52
N LEU A 28 3.62 -3.68 7.17
CA LEU A 28 4.45 -4.86 7.42
C LEU A 28 4.69 -5.63 6.13
N HIS A 29 3.73 -5.58 5.22
CA HIS A 29 3.84 -6.27 3.93
C HIS A 29 4.99 -5.69 3.11
N GLU A 30 5.34 -4.44 3.38
CA GLU A 30 6.41 -3.77 2.65
C GLU A 30 7.76 -4.38 3.00
N ARG A 31 7.78 -5.21 4.05
CA ARG A 31 9.01 -5.85 4.50
C ARG A 31 9.70 -6.56 3.33
N ILE A 32 8.98 -7.49 2.71
CA ILE A 32 9.52 -8.24 1.58
C ILE A 32 9.96 -7.31 0.46
N HIS A 33 9.28 -6.17 0.35
CA HIS A 33 9.60 -5.19 -0.68
C HIS A 33 10.78 -4.31 -0.25
N THR A 34 11.98 -4.68 -0.69
CA THR A 34 13.18 -3.92 -0.35
C THR A 34 14.03 -3.67 -1.59
N GLY A 35 13.58 -2.74 -2.43
CA GLY A 35 14.32 -2.40 -3.64
C GLY A 35 14.53 -0.91 -3.79
N SER A 36 14.51 -0.44 -5.03
CA SER A 36 14.71 0.97 -5.32
C SER A 36 13.38 1.72 -5.32
N GLY A 37 13.44 3.02 -5.61
CA GLY A 37 12.24 3.82 -5.64
C GLY A 37 11.99 4.54 -4.33
N PRO A 38 10.85 5.25 -4.24
CA PRO A 38 10.46 6.00 -3.04
C PRO A 38 10.10 5.08 -1.88
N SER A 39 9.71 5.67 -0.75
CA SER A 39 9.34 4.91 0.43
C SER A 39 10.47 3.97 0.85
N SER A 40 11.68 4.52 0.97
CA SER A 40 12.83 3.74 1.36
C SER A 40 13.41 4.24 2.68
N GLY A 41 13.02 3.61 3.78
CA GLY A 41 13.51 4.02 5.09
C GLY A 41 12.52 4.88 5.84
N GLY A 1 -17.59 23.19 2.86
CA GLY A 1 -18.13 22.79 1.58
C GLY A 1 -17.17 21.94 0.78
N SER A 2 -17.26 20.62 0.96
CA SER A 2 -16.38 19.69 0.25
C SER A 2 -16.87 19.45 -1.17
N SER A 3 -16.21 20.10 -2.14
CA SER A 3 -16.58 19.97 -3.54
C SER A 3 -16.56 18.50 -3.96
N GLY A 4 -17.73 17.98 -4.36
CA GLY A 4 -17.82 16.61 -4.78
C GLY A 4 -17.58 15.63 -3.65
N SER A 5 -17.71 14.34 -3.94
CA SER A 5 -17.51 13.29 -2.94
C SER A 5 -16.10 12.73 -3.03
N SER A 6 -15.30 12.99 -1.99
CA SER A 6 -13.92 12.51 -1.95
C SER A 6 -13.89 10.98 -2.00
N GLY A 7 -14.45 10.35 -0.97
CA GLY A 7 -14.48 8.90 -0.91
C GLY A 7 -13.34 8.34 -0.07
N GLN A 8 -13.35 7.03 0.14
CA GLN A 8 -12.31 6.37 0.92
C GLN A 8 -11.41 5.52 0.04
N ARG A 9 -10.18 5.32 0.49
CA ARG A 9 -9.21 4.53 -0.27
C ARG A 9 -8.56 3.47 0.62
N VAL A 10 -8.60 2.22 0.18
CA VAL A 10 -8.02 1.12 0.93
C VAL A 10 -6.51 1.02 0.69
N TYR A 11 -5.78 0.65 1.73
CA TYR A 11 -4.33 0.53 1.63
C TYR A 11 -3.94 -0.63 0.71
N GLU A 12 -3.77 -0.32 -0.57
CA GLU A 12 -3.41 -1.33 -1.56
C GLU A 12 -1.94 -1.19 -1.96
N CYS A 13 -1.21 -2.30 -1.89
CA CYS A 13 0.21 -2.30 -2.26
C CYS A 13 0.41 -1.77 -3.66
N GLN A 14 1.35 -0.83 -3.81
CA GLN A 14 1.64 -0.24 -5.11
C GLN A 14 2.93 -0.83 -5.70
N GLU A 15 3.23 -2.07 -5.32
CA GLU A 15 4.43 -2.74 -5.82
C GLU A 15 4.07 -4.09 -6.45
N CYS A 16 3.24 -4.86 -5.75
CA CYS A 16 2.83 -6.17 -6.24
C CYS A 16 1.32 -6.20 -6.50
N GLY A 17 0.58 -5.36 -5.78
CA GLY A 17 -0.85 -5.30 -5.95
C GLY A 17 -1.59 -6.18 -4.97
N LYS A 18 -1.88 -5.64 -3.79
CA LYS A 18 -2.58 -6.40 -2.75
C LYS A 18 -3.30 -5.46 -1.80
N SER A 19 -4.61 -5.66 -1.64
CA SER A 19 -5.42 -4.84 -0.77
C SER A 19 -5.30 -5.31 0.68
N PHE A 20 -5.34 -4.35 1.61
CA PHE A 20 -5.24 -4.66 3.03
C PHE A 20 -6.30 -3.91 3.84
N ARG A 21 -7.12 -4.66 4.56
CA ARG A 21 -8.18 -4.07 5.37
C ARG A 21 -7.60 -3.08 6.38
N GLN A 22 -6.48 -3.46 6.99
CA GLN A 22 -5.82 -2.60 7.98
C GLN A 22 -4.64 -1.86 7.36
N LYS A 23 -4.24 -0.77 8.01
CA LYS A 23 -3.12 0.03 7.51
C LYS A 23 -1.79 -0.66 7.82
N GLY A 24 -1.60 -1.06 9.08
CA GLY A 24 -0.37 -1.72 9.46
C GLY A 24 -0.08 -2.94 8.61
N SER A 25 -1.13 -3.63 8.19
CA SER A 25 -0.98 -4.82 7.37
C SER A 25 -0.12 -4.55 6.14
N LEU A 26 -0.37 -3.41 5.50
CA LEU A 26 0.38 -3.02 4.31
C LEU A 26 1.81 -2.62 4.68
N THR A 27 1.96 -1.94 5.81
CA THR A 27 3.27 -1.50 6.27
C THR A 27 4.21 -2.69 6.42
N LEU A 28 3.81 -3.68 7.22
CA LEU A 28 4.63 -4.87 7.45
C LEU A 28 4.81 -5.65 6.15
N HIS A 29 3.85 -5.51 5.23
CA HIS A 29 3.91 -6.22 3.96
C HIS A 29 5.02 -5.66 3.08
N GLU A 30 5.40 -4.41 3.33
CA GLU A 30 6.45 -3.75 2.56
C GLU A 30 7.81 -4.39 2.88
N ARG A 31 7.86 -5.20 3.92
CA ARG A 31 9.10 -5.85 4.32
C ARG A 31 9.73 -6.58 3.14
N ILE A 32 8.99 -7.51 2.55
CA ILE A 32 9.47 -8.27 1.41
C ILE A 32 9.89 -7.35 0.26
N HIS A 33 9.24 -6.20 0.19
CA HIS A 33 9.54 -5.22 -0.86
C HIS A 33 10.69 -4.31 -0.45
N THR A 34 11.87 -4.91 -0.27
CA THR A 34 13.06 -4.16 0.12
C THR A 34 14.21 -4.40 -0.85
N GLY A 35 14.94 -3.34 -1.17
CA GLY A 35 16.06 -3.46 -2.08
C GLY A 35 15.76 -2.90 -3.45
N SER A 36 15.55 -1.58 -3.51
CA SER A 36 15.25 -0.92 -4.77
C SER A 36 15.69 0.55 -4.73
N GLY A 37 16.28 1.02 -5.83
CA GLY A 37 16.74 2.39 -5.89
C GLY A 37 17.99 2.63 -5.07
N PRO A 38 18.38 3.91 -4.96
CA PRO A 38 19.58 4.30 -4.18
C PRO A 38 19.38 4.12 -2.69
N SER A 39 18.16 4.39 -2.21
CA SER A 39 17.84 4.27 -0.80
C SER A 39 17.53 2.82 -0.43
N SER A 40 18.12 2.35 0.66
CA SER A 40 17.91 0.98 1.12
C SER A 40 17.30 0.97 2.52
N GLY A 41 16.01 0.65 2.59
CA GLY A 41 15.33 0.60 3.86
C GLY A 41 15.22 -0.80 4.41
N GLY A 1 -16.51 -14.33 -4.56
CA GLY A 1 -17.85 -14.34 -5.11
C GLY A 1 -18.21 -13.04 -5.80
N SER A 2 -19.26 -12.39 -5.33
CA SER A 2 -19.70 -11.13 -5.91
C SER A 2 -19.08 -9.94 -5.19
N SER A 3 -18.78 -8.88 -5.93
CA SER A 3 -18.19 -7.68 -5.36
C SER A 3 -19.24 -6.81 -4.68
N GLY A 4 -18.86 -6.17 -3.59
CA GLY A 4 -19.79 -5.32 -2.86
C GLY A 4 -19.15 -4.64 -1.67
N SER A 5 -17.91 -4.17 -1.86
CA SER A 5 -17.19 -3.50 -0.78
C SER A 5 -17.59 -2.04 -0.68
N SER A 6 -17.51 -1.48 0.53
CA SER A 6 -17.87 -0.08 0.76
C SER A 6 -16.66 0.72 1.20
N GLY A 7 -16.28 1.71 0.40
CA GLY A 7 -15.14 2.54 0.73
C GLY A 7 -14.66 3.36 -0.45
N GLN A 8 -13.66 4.21 -0.21
CA GLN A 8 -13.11 5.05 -1.27
C GLN A 8 -11.61 4.83 -1.42
N ARG A 9 -10.89 4.98 -0.30
CA ARG A 9 -9.44 4.79 -0.31
C ARG A 9 -9.04 3.55 0.49
N VAL A 10 -8.07 2.81 -0.03
CA VAL A 10 -7.60 1.60 0.63
C VAL A 10 -6.08 1.50 0.59
N TYR A 11 -5.50 0.88 1.61
CA TYR A 11 -4.05 0.73 1.69
C TYR A 11 -3.58 -0.41 0.79
N GLU A 12 -3.64 -0.19 -0.51
CA GLU A 12 -3.23 -1.20 -1.48
C GLU A 12 -1.71 -1.15 -1.68
N CYS A 13 -1.13 -2.31 -2.02
CA CYS A 13 0.30 -2.40 -2.26
C CYS A 13 0.67 -1.85 -3.63
N GLN A 14 1.71 -1.03 -3.67
CA GLN A 14 2.17 -0.44 -4.93
C GLN A 14 3.41 -1.15 -5.44
N GLU A 15 3.50 -2.45 -5.17
CA GLU A 15 4.65 -3.24 -5.61
C GLU A 15 4.19 -4.55 -6.27
N CYS A 16 3.27 -5.24 -5.60
CA CYS A 16 2.75 -6.49 -6.13
C CYS A 16 1.27 -6.37 -6.47
N GLY A 17 0.59 -5.45 -5.80
CA GLY A 17 -0.83 -5.24 -6.05
C GLY A 17 -1.70 -6.09 -5.14
N LYS A 18 -1.90 -5.62 -3.91
CA LYS A 18 -2.73 -6.34 -2.95
C LYS A 18 -3.35 -5.38 -1.95
N SER A 19 -4.65 -5.51 -1.73
CA SER A 19 -5.37 -4.65 -0.80
C SER A 19 -5.32 -5.22 0.62
N PHE A 20 -5.40 -4.34 1.60
CA PHE A 20 -5.36 -4.75 3.00
C PHE A 20 -6.44 -4.02 3.81
N ARG A 21 -7.12 -4.77 4.67
CA ARG A 21 -8.17 -4.19 5.51
C ARG A 21 -7.59 -3.18 6.49
N GLN A 22 -6.52 -3.57 7.17
CA GLN A 22 -5.87 -2.70 8.14
C GLN A 22 -4.72 -1.94 7.51
N LYS A 23 -4.27 -0.88 8.18
CA LYS A 23 -3.17 -0.06 7.68
C LYS A 23 -1.83 -0.74 7.93
N GLY A 24 -1.56 -1.06 9.20
CA GLY A 24 -0.31 -1.72 9.54
C GLY A 24 -0.06 -2.97 8.72
N SER A 25 -1.14 -3.65 8.34
CA SER A 25 -1.02 -4.87 7.55
C SER A 25 -0.17 -4.63 6.30
N LEU A 26 -0.39 -3.49 5.66
CA LEU A 26 0.35 -3.14 4.45
C LEU A 26 1.78 -2.73 4.79
N THR A 27 1.94 -2.05 5.92
CA THR A 27 3.26 -1.61 6.36
C THR A 27 4.23 -2.77 6.48
N LEU A 28 3.86 -3.77 7.28
CA LEU A 28 4.69 -4.95 7.48
C LEU A 28 4.85 -5.73 6.18
N HIS A 29 3.86 -5.61 5.30
CA HIS A 29 3.89 -6.30 4.01
C HIS A 29 4.98 -5.73 3.11
N GLU A 30 5.34 -4.47 3.36
CA GLU A 30 6.37 -3.81 2.56
C GLU A 30 7.74 -4.42 2.83
N ARG A 31 7.83 -5.24 3.87
CA ARG A 31 9.08 -5.89 4.24
C ARG A 31 9.69 -6.60 3.04
N ILE A 32 8.94 -7.53 2.46
CA ILE A 32 9.41 -8.28 1.30
C ILE A 32 9.78 -7.36 0.16
N HIS A 33 9.12 -6.20 0.09
CA HIS A 33 9.37 -5.23 -0.95
C HIS A 33 10.46 -4.24 -0.53
N THR A 34 11.71 -4.61 -0.78
CA THR A 34 12.85 -3.76 -0.42
C THR A 34 12.83 -2.46 -1.22
N GLY A 35 12.25 -2.51 -2.40
CA GLY A 35 12.17 -1.33 -3.25
C GLY A 35 13.06 -1.44 -4.47
N SER A 36 12.81 -2.45 -5.30
CA SER A 36 13.58 -2.67 -6.51
C SER A 36 13.07 -1.81 -7.66
N GLY A 37 13.99 -1.12 -8.33
CA GLY A 37 13.61 -0.26 -9.43
C GLY A 37 12.81 0.94 -8.99
N PRO A 38 13.47 1.87 -8.29
CA PRO A 38 12.82 3.09 -7.79
C PRO A 38 12.46 4.06 -8.91
N SER A 39 13.21 3.99 -10.00
CA SER A 39 12.96 4.86 -11.15
C SER A 39 13.08 6.33 -10.75
N SER A 40 14.08 6.63 -9.93
CA SER A 40 14.32 7.99 -9.47
C SER A 40 14.75 8.88 -10.62
N GLY A 41 15.41 8.29 -11.62
CA GLY A 41 15.87 9.04 -12.77
C GLY A 41 17.36 9.33 -12.72
#